data_5TZJ
#
_entry.id   5TZJ
#
_cell.length_a   57.002
_cell.length_b   57.370
_cell.length_c   86.786
_cell.angle_alpha   83.030
_cell.angle_beta   84.550
_cell.angle_gamma   62.260
#
_symmetry.space_group_name_H-M   'P 1'
#
loop_
_entity.id
_entity.type
_entity.pdbx_description
1 polymer 'Glycosyl transferase'
2 non-polymer URIDINE-DIPHOSPHATE-N-ACETYLGLUCOSAMINE
3 water water
#
_entity_poly.entity_id   1
_entity_poly.type   'polypeptide(L)'
_entity_poly.pdbx_seq_one_letter_code
;MKFSVIVPTYNSEKYITELLNSLAKQDFPKTEFEVVVVDDCSTDQTLQIVEKYRNKLNLKVSQLETNSGGPGKPRNVALK
QAEGEFVLFVDSDDYINKETLKDAAAFIDEHHSDVLLIKMKGVNGRGVPQSMFKETAPEVTLLNSRIIYTLSPTKIYRTA
LLKDNDIYFPEELKSAEDQLFTMKAYLNANRISVLSDKAYYYATKREGEHMSSAYVSPEDFYEVMRLIAVEILNADLEEA
HKDQILAEFLNRHFSFSRTNGFSLKVKLEEQPQWINALGDFIQAVPERVDALVMSKLRPLLHYARAKDIDNYRTVEESYR
QGQYYRFDIVDGKLNIQFNEGEPYFEGIDKLVPRGSAAAALEHHHHHH
;
_entity_poly.pdbx_strand_id   C,A
#
loop_
_chem_comp.id
_chem_comp.type
_chem_comp.name
_chem_comp.formula
UD1 non-polymer URIDINE-DIPHOSPHATE-N-ACETYLGLUCOSAMINE 'C17 H27 N3 O17 P2'
#
# COMPACT_ATOMS: atom_id res chain seq x y z
N MET A 1 -22.08 -32.63 -9.81
CA MET A 1 -21.26 -32.02 -10.86
C MET A 1 -19.78 -32.28 -10.61
N LYS A 2 -19.08 -32.71 -11.66
CA LYS A 2 -17.70 -33.15 -11.49
C LYS A 2 -16.77 -31.96 -11.27
N PHE A 3 -16.83 -30.95 -12.14
CA PHE A 3 -15.83 -29.88 -12.10
C PHE A 3 -16.49 -28.52 -11.98
N SER A 4 -15.76 -27.60 -11.36
CA SER A 4 -16.08 -26.19 -11.51
C SER A 4 -14.84 -25.55 -12.08
N VAL A 5 -14.96 -24.99 -13.29
CA VAL A 5 -13.86 -24.27 -13.91
C VAL A 5 -13.93 -22.81 -13.47
N ILE A 6 -12.92 -22.34 -12.76
CA ILE A 6 -12.99 -21.01 -12.15
C ILE A 6 -12.09 -20.06 -12.95
N VAL A 7 -12.68 -18.95 -13.42
CA VAL A 7 -12.05 -18.00 -14.33
C VAL A 7 -12.20 -16.60 -13.75
N PRO A 8 -11.15 -16.02 -13.19
CA PRO A 8 -11.22 -14.59 -12.85
C PRO A 8 -10.98 -13.78 -14.12
N THR A 9 -11.77 -12.74 -14.35
CA THR A 9 -11.55 -11.90 -15.54
C THR A 9 -11.30 -10.44 -15.17
N TYR A 10 -10.52 -9.74 -16.01
CA TYR A 10 -10.26 -8.30 -15.82
C TYR A 10 -9.87 -7.69 -17.16
N ASN A 11 -10.81 -6.98 -17.80
CA ASN A 11 -10.56 -6.36 -19.10
C ASN A 11 -9.97 -7.38 -20.07
N SER A 12 -10.63 -8.53 -20.13
CA SER A 12 -10.19 -9.70 -20.86
C SER A 12 -10.87 -9.85 -22.21
N GLU A 13 -11.38 -8.74 -22.77
CA GLU A 13 -12.26 -8.89 -23.93
C GLU A 13 -11.52 -9.37 -25.18
N LYS A 14 -10.22 -9.05 -25.32
CA LYS A 14 -9.49 -9.43 -26.53
C LYS A 14 -9.14 -10.91 -26.59
N TYR A 15 -9.19 -11.64 -25.47
CA TYR A 15 -8.80 -13.04 -25.52
C TYR A 15 -9.79 -14.00 -24.88
N ILE A 16 -10.79 -13.53 -24.13
CA ILE A 16 -11.59 -14.45 -23.32
C ILE A 16 -12.30 -15.48 -24.18
N THR A 17 -12.55 -15.15 -25.46
CA THR A 17 -13.20 -16.10 -26.36
C THR A 17 -12.41 -17.39 -26.52
N GLU A 18 -11.08 -17.30 -26.63
CA GLU A 18 -10.31 -18.54 -26.81
C GLU A 18 -10.56 -19.50 -25.65
N LEU A 19 -10.56 -19.01 -24.41
CA LEU A 19 -10.85 -19.87 -23.27
C LEU A 19 -12.25 -20.47 -23.36
N LEU A 20 -13.27 -19.62 -23.55
CA LEU A 20 -14.65 -20.11 -23.55
C LEU A 20 -14.89 -21.11 -24.67
N ASN A 21 -14.23 -20.93 -25.84
CA ASN A 21 -14.36 -21.92 -26.92
C ASN A 21 -13.76 -23.25 -26.48
N SER A 22 -12.65 -23.21 -25.74
CA SER A 22 -12.01 -24.46 -25.32
C SER A 22 -12.85 -25.18 -24.28
N LEU A 23 -13.56 -24.41 -23.44
CA LEU A 23 -14.54 -25.00 -22.51
C LEU A 23 -15.75 -25.57 -23.26
N ALA A 24 -16.25 -24.86 -24.28
CA ALA A 24 -17.40 -25.40 -25.00
C ALA A 24 -17.04 -26.58 -25.90
N LYS A 25 -15.78 -26.71 -26.31
CA LYS A 25 -15.30 -27.84 -27.10
C LYS A 25 -14.85 -29.02 -26.25
N GLN A 26 -14.99 -28.98 -24.91
CA GLN A 26 -14.68 -30.15 -24.10
C GLN A 26 -15.47 -31.36 -24.58
N ASP A 27 -14.76 -32.46 -24.83
CA ASP A 27 -15.43 -33.72 -25.12
C ASP A 27 -15.68 -34.44 -23.79
N PHE A 28 -16.56 -33.81 -23.04
CA PHE A 28 -16.97 -34.10 -21.68
C PHE A 28 -18.36 -33.50 -21.56
N PRO A 29 -19.29 -34.12 -20.84
CA PRO A 29 -20.66 -33.59 -20.79
C PRO A 29 -20.73 -32.22 -20.11
N LYS A 30 -21.45 -31.29 -20.77
CA LYS A 30 -21.63 -29.93 -20.27
C LYS A 30 -22.49 -29.91 -19.01
N THR A 31 -23.35 -30.90 -18.85
CA THR A 31 -24.09 -31.14 -17.63
C THR A 31 -23.21 -31.50 -16.45
N GLU A 32 -21.98 -31.92 -16.68
CA GLU A 32 -21.12 -32.40 -15.59
C GLU A 32 -20.08 -31.38 -15.15
N PHE A 33 -20.07 -30.19 -15.75
CA PHE A 33 -19.19 -29.16 -15.24
C PHE A 33 -19.90 -27.82 -15.34
N GLU A 34 -19.34 -26.84 -14.64
CA GLU A 34 -19.85 -25.49 -14.64
C GLU A 34 -18.64 -24.57 -14.81
N VAL A 35 -18.88 -23.38 -15.34
CA VAL A 35 -17.84 -22.39 -15.54
C VAL A 35 -18.21 -21.21 -14.69
N VAL A 36 -17.37 -20.89 -13.72
CA VAL A 36 -17.66 -19.84 -12.74
C VAL A 36 -16.75 -18.68 -13.07
N VAL A 37 -17.35 -17.64 -13.63
CA VAL A 37 -16.66 -16.45 -14.08
C VAL A 37 -16.94 -15.37 -13.08
N VAL A 38 -15.88 -14.84 -12.45
CA VAL A 38 -16.00 -13.66 -11.61
C VAL A 38 -15.18 -12.55 -12.23
N ASP A 39 -15.85 -11.45 -12.58
CA ASP A 39 -15.22 -10.36 -13.30
C ASP A 39 -14.79 -9.30 -12.30
N ASP A 40 -13.51 -8.96 -12.32
CA ASP A 40 -12.94 -8.01 -11.37
C ASP A 40 -13.15 -6.57 -11.83
N CYS A 41 -14.42 -6.24 -12.07
CA CYS A 41 -14.86 -4.89 -12.42
C CYS A 41 -14.21 -4.41 -13.73
N SER A 42 -14.38 -5.22 -14.78
CA SER A 42 -13.92 -4.82 -16.11
C SER A 42 -14.68 -3.60 -16.60
N THR A 43 -13.99 -2.77 -17.41
CA THR A 43 -14.65 -1.69 -18.10
C THR A 43 -14.87 -1.97 -19.58
N ASP A 44 -14.41 -3.11 -20.09
CA ASP A 44 -14.59 -3.40 -21.50
C ASP A 44 -15.79 -4.32 -21.67
N GLN A 45 -15.91 -4.96 -22.83
CA GLN A 45 -17.03 -5.82 -23.13
C GLN A 45 -16.82 -7.27 -22.70
N THR A 46 -15.91 -7.50 -21.73
CA THR A 46 -15.65 -8.87 -21.27
C THR A 46 -16.96 -9.59 -20.95
N LEU A 47 -17.88 -8.94 -20.22
CA LEU A 47 -19.06 -9.65 -19.72
C LEU A 47 -20.05 -9.93 -20.84
N GLN A 48 -20.16 -9.04 -21.81
CA GLN A 48 -21.06 -9.30 -22.93
C GLN A 48 -20.54 -10.45 -23.78
N ILE A 49 -19.21 -10.60 -23.89
CA ILE A 49 -18.69 -11.79 -24.58
C ILE A 49 -18.98 -13.05 -23.78
N VAL A 50 -18.78 -13.00 -22.46
CA VAL A 50 -19.08 -14.16 -21.62
C VAL A 50 -20.55 -14.58 -21.77
N GLU A 51 -21.46 -13.61 -21.86
CA GLU A 51 -22.89 -13.97 -21.90
C GLU A 51 -23.31 -14.65 -23.19
N LYS A 52 -22.51 -14.56 -24.26
CA LYS A 52 -22.84 -15.32 -25.46
C LYS A 52 -22.72 -16.84 -25.25
N TYR A 53 -22.13 -17.30 -24.15
CA TYR A 53 -21.96 -18.73 -23.86
C TYR A 53 -22.96 -19.27 -22.83
N ARG A 54 -23.90 -18.42 -22.38
CA ARG A 54 -24.92 -18.76 -21.37
C ARG A 54 -25.67 -20.08 -21.68
N ASN A 55 -26.07 -20.29 -22.92
CA ASN A 55 -26.80 -21.51 -23.25
C ASN A 55 -25.88 -22.58 -23.80
N LYS A 56 -24.60 -22.28 -23.97
CA LYS A 56 -23.63 -23.25 -24.45
C LYS A 56 -22.92 -23.95 -23.29
N LEU A 57 -22.64 -23.21 -22.23
CA LEU A 57 -21.99 -23.72 -21.04
C LEU A 57 -22.95 -23.63 -19.86
N ASN A 58 -22.71 -24.48 -18.86
CA ASN A 58 -23.29 -24.28 -17.54
C ASN A 58 -22.57 -23.10 -16.90
N LEU A 59 -23.18 -21.93 -16.91
CA LEU A 59 -22.41 -20.71 -16.70
C LEU A 59 -22.88 -20.01 -15.43
N LYS A 60 -21.93 -19.56 -14.61
CA LYS A 60 -22.21 -18.66 -13.50
C LYS A 60 -21.35 -17.41 -13.67
N VAL A 61 -21.99 -16.25 -13.75
CA VAL A 61 -21.30 -14.97 -13.92
C VAL A 61 -21.65 -14.05 -12.76
N SER A 62 -20.64 -13.39 -12.20
CA SER A 62 -20.92 -12.26 -11.35
C SER A 62 -19.76 -11.28 -11.53
N GLN A 63 -19.93 -10.08 -10.97
CA GLN A 63 -18.94 -9.05 -11.15
C GLN A 63 -18.77 -8.27 -9.86
N LEU A 64 -17.52 -8.06 -9.46
CA LEU A 64 -17.24 -7.25 -8.28
C LEU A 64 -17.44 -5.78 -8.60
N GLU A 65 -17.90 -5.04 -7.61
CA GLU A 65 -18.22 -3.63 -7.81
C GLU A 65 -17.00 -2.75 -7.92
N THR A 66 -15.80 -3.24 -7.60
CA THR A 66 -14.61 -2.45 -7.83
C THR A 66 -13.43 -3.40 -8.02
N ASN A 67 -12.40 -2.96 -8.74
CA ASN A 67 -11.32 -3.88 -9.06
C ASN A 67 -10.54 -4.28 -7.79
N SER A 68 -10.39 -5.58 -7.56
CA SER A 68 -9.87 -6.00 -6.27
C SER A 68 -8.34 -5.92 -6.14
N GLY A 69 -7.60 -5.58 -7.19
CA GLY A 69 -6.16 -5.54 -7.03
C GLY A 69 -5.42 -6.84 -7.31
N GLY A 70 -6.10 -7.84 -7.88
CA GLY A 70 -5.48 -9.10 -8.23
C GLY A 70 -6.48 -10.23 -8.43
N PRO A 71 -5.97 -11.41 -8.84
CA PRO A 71 -6.83 -12.59 -9.08
C PRO A 71 -7.43 -13.21 -7.83
N GLY A 72 -6.87 -12.91 -6.66
CA GLY A 72 -7.22 -13.67 -5.47
C GLY A 72 -8.69 -13.54 -5.10
N LYS A 73 -9.17 -12.30 -4.97
CA LYS A 73 -10.56 -12.11 -4.55
C LYS A 73 -11.56 -12.69 -5.54
N PRO A 74 -11.46 -12.45 -6.87
CA PRO A 74 -12.43 -13.11 -7.76
C PRO A 74 -12.35 -14.62 -7.70
N ARG A 75 -11.17 -15.22 -7.47
CA ARG A 75 -11.17 -16.69 -7.40
C ARG A 75 -11.83 -17.17 -6.11
N ASN A 76 -11.61 -16.44 -5.01
CA ASN A 76 -12.27 -16.75 -3.73
C ASN A 76 -13.79 -16.65 -3.84
N VAL A 77 -14.30 -15.59 -4.49
CA VAL A 77 -15.75 -15.48 -4.69
C VAL A 77 -16.26 -16.65 -5.49
N ALA A 78 -15.50 -17.02 -6.55
CA ALA A 78 -15.90 -18.15 -7.39
C ALA A 78 -15.84 -19.46 -6.60
N LEU A 79 -14.79 -19.63 -5.79
CA LEU A 79 -14.65 -20.89 -5.06
C LEU A 79 -15.84 -21.13 -4.13
N LYS A 80 -16.32 -20.06 -3.49
CA LYS A 80 -17.51 -20.19 -2.64
C LYS A 80 -18.75 -20.59 -3.44
N GLN A 81 -18.93 -20.04 -4.65
CA GLN A 81 -20.08 -20.38 -5.49
C GLN A 81 -19.98 -21.77 -6.08
N ALA A 82 -18.77 -22.31 -6.17
CA ALA A 82 -18.51 -23.54 -6.90
C ALA A 82 -19.20 -24.74 -6.26
N GLU A 83 -19.85 -25.54 -7.11
CA GLU A 83 -20.54 -26.75 -6.69
C GLU A 83 -19.89 -28.04 -7.21
N GLY A 84 -18.85 -27.95 -8.04
CA GLY A 84 -18.24 -29.16 -8.57
C GLY A 84 -17.47 -29.93 -7.51
N GLU A 85 -17.34 -31.26 -7.71
CA GLU A 85 -16.57 -32.06 -6.76
C GLU A 85 -15.09 -31.64 -6.74
N PHE A 86 -14.59 -31.15 -7.86
CA PHE A 86 -13.24 -30.66 -8.06
C PHE A 86 -13.28 -29.27 -8.68
N VAL A 87 -12.26 -28.45 -8.41
CA VAL A 87 -12.13 -27.19 -9.13
C VAL A 87 -10.89 -27.20 -10.02
N LEU A 88 -11.01 -26.47 -11.14
CA LEU A 88 -9.89 -26.18 -12.02
C LEU A 88 -9.85 -24.67 -12.22
N PHE A 89 -8.73 -24.05 -11.91
CA PHE A 89 -8.53 -22.63 -12.14
C PHE A 89 -7.88 -22.41 -13.50
N VAL A 90 -8.51 -21.61 -14.34
CA VAL A 90 -7.94 -21.23 -15.63
C VAL A 90 -7.97 -19.72 -15.74
N ASP A 91 -6.85 -19.14 -16.11
CA ASP A 91 -6.79 -17.70 -16.29
C ASP A 91 -7.36 -17.28 -17.64
N SER A 92 -7.85 -16.04 -17.67
CA SER A 92 -8.72 -15.59 -18.75
C SER A 92 -8.01 -15.58 -20.10
N ASP A 93 -6.69 -15.49 -20.12
CA ASP A 93 -5.90 -15.46 -21.35
C ASP A 93 -5.32 -16.83 -21.69
N ASP A 94 -5.72 -17.89 -21.00
CA ASP A 94 -5.24 -19.25 -21.31
C ASP A 94 -6.38 -20.09 -21.90
N TYR A 95 -6.08 -21.33 -22.25
CA TYR A 95 -7.12 -22.27 -22.65
C TYR A 95 -6.63 -23.68 -22.34
N ILE A 96 -7.51 -24.67 -22.57
CA ILE A 96 -7.23 -26.03 -22.14
C ILE A 96 -7.55 -27.01 -23.27
N ASN A 97 -6.89 -28.17 -23.23
CA ASN A 97 -7.10 -29.22 -24.22
C ASN A 97 -8.53 -29.73 -24.17
N LYS A 98 -9.04 -30.18 -25.33
CA LYS A 98 -10.45 -30.58 -25.37
C LYS A 98 -10.72 -31.85 -24.57
N GLU A 99 -9.71 -32.69 -24.35
CA GLU A 99 -9.86 -33.90 -23.55
C GLU A 99 -9.48 -33.70 -22.08
N THR A 100 -9.21 -32.46 -21.67
CA THR A 100 -8.72 -32.23 -20.31
C THR A 100 -9.68 -32.78 -19.26
N LEU A 101 -10.95 -32.38 -19.31
CA LEU A 101 -11.86 -32.80 -18.26
C LEU A 101 -12.16 -34.30 -18.33
N LYS A 102 -12.25 -34.85 -19.54
CA LYS A 102 -12.41 -36.29 -19.67
C LYS A 102 -11.20 -37.04 -19.10
N ASP A 103 -10.01 -36.69 -19.55
CA ASP A 103 -8.82 -37.36 -19.04
C ASP A 103 -8.70 -37.22 -17.52
N ALA A 104 -8.96 -36.02 -17.00
CA ALA A 104 -8.80 -35.83 -15.56
C ALA A 104 -9.87 -36.58 -14.78
N ALA A 105 -11.09 -36.62 -15.30
CA ALA A 105 -12.15 -37.34 -14.60
C ALA A 105 -11.84 -38.83 -14.56
N ALA A 106 -11.35 -39.36 -15.68
CA ALA A 106 -11.01 -40.77 -15.72
C ALA A 106 -9.87 -41.09 -14.75
N PHE A 107 -8.88 -40.20 -14.67
CA PHE A 107 -7.71 -40.43 -13.83
C PHE A 107 -8.08 -40.33 -12.34
N ILE A 108 -8.86 -39.31 -11.98
CA ILE A 108 -9.33 -39.16 -10.61
C ILE A 108 -10.18 -40.34 -10.18
N ASP A 109 -11.02 -40.86 -11.09
CA ASP A 109 -11.91 -41.94 -10.70
C ASP A 109 -11.12 -43.17 -10.27
N GLU A 110 -9.95 -43.41 -10.87
CA GLU A 110 -9.16 -44.57 -10.53
C GLU A 110 -8.26 -44.33 -9.32
N HIS A 111 -7.73 -43.12 -9.17
CA HIS A 111 -6.68 -42.85 -8.19
C HIS A 111 -7.12 -41.99 -7.01
N HIS A 112 -8.27 -41.32 -7.10
CA HIS A 112 -8.82 -40.51 -6.00
C HIS A 112 -7.84 -39.42 -5.56
N SER A 113 -7.18 -38.79 -6.53
CA SER A 113 -6.32 -37.66 -6.25
C SER A 113 -7.07 -36.58 -5.46
N ASP A 114 -6.34 -35.89 -4.57
CA ASP A 114 -6.84 -34.66 -3.97
C ASP A 114 -6.39 -33.42 -4.69
N VAL A 115 -5.22 -33.50 -5.32
CA VAL A 115 -4.65 -32.44 -6.14
C VAL A 115 -4.12 -33.12 -7.39
N LEU A 116 -4.54 -32.66 -8.57
CA LEU A 116 -4.08 -33.26 -9.81
C LEU A 116 -3.34 -32.18 -10.61
N LEU A 117 -2.05 -32.36 -10.77
CA LEU A 117 -1.27 -31.50 -11.66
C LEU A 117 -1.53 -31.95 -13.08
N ILE A 118 -1.68 -31.00 -14.00
CA ILE A 118 -1.89 -31.34 -15.40
C ILE A 118 -0.85 -30.62 -16.25
N LYS A 119 -0.30 -31.34 -17.22
CA LYS A 119 0.87 -30.86 -17.93
C LYS A 119 0.54 -29.57 -18.66
N MET A 120 1.44 -28.58 -18.57
CA MET A 120 1.22 -27.31 -19.23
C MET A 120 2.09 -27.18 -20.48
N LYS A 121 1.66 -26.30 -21.38
CA LYS A 121 2.41 -25.95 -22.57
C LYS A 121 2.46 -24.44 -22.72
N GLY A 122 3.66 -23.91 -22.97
CA GLY A 122 3.78 -22.49 -23.28
C GLY A 122 3.30 -22.19 -24.70
N VAL A 123 2.68 -21.02 -24.85
CA VAL A 123 2.24 -20.56 -26.18
C VAL A 123 2.85 -19.20 -26.44
N ASN A 124 3.21 -18.97 -27.71
CA ASN A 124 4.08 -17.90 -28.20
C ASN A 124 5.01 -17.30 -27.14
N GLY A 125 5.98 -18.09 -26.69
CA GLY A 125 7.09 -17.59 -25.91
C GLY A 125 6.94 -17.76 -24.41
N ARG A 126 5.73 -17.93 -23.90
CA ARG A 126 5.53 -18.09 -22.47
C ARG A 126 6.34 -19.27 -21.94
N GLY A 127 7.07 -19.05 -20.85
CA GLY A 127 7.77 -20.13 -20.18
C GLY A 127 6.85 -20.83 -19.19
N VAL A 128 6.97 -22.15 -19.14
CA VAL A 128 6.12 -22.93 -18.25
C VAL A 128 6.96 -24.00 -17.55
N PRO A 129 6.71 -24.30 -16.27
CA PRO A 129 7.45 -25.38 -15.60
C PRO A 129 7.29 -26.70 -16.33
N GLN A 130 8.38 -27.46 -16.42
CA GLN A 130 8.33 -28.77 -17.07
C GLN A 130 8.96 -29.89 -16.27
N SER A 131 9.79 -29.61 -15.26
CA SER A 131 10.58 -30.65 -14.61
C SER A 131 9.72 -31.65 -13.86
N MET A 132 8.51 -31.27 -13.44
CA MET A 132 7.61 -32.21 -12.76
C MET A 132 6.63 -32.90 -13.71
N PHE A 133 6.72 -32.66 -15.01
CA PHE A 133 5.73 -33.18 -15.95
C PHE A 133 6.33 -34.19 -16.92
N LYS A 134 7.49 -34.76 -16.63
CA LYS A 134 8.11 -35.70 -17.56
C LYS A 134 7.40 -37.05 -17.57
N GLU A 135 6.52 -37.31 -16.62
CA GLU A 135 5.89 -38.61 -16.48
C GLU A 135 4.53 -38.43 -15.82
N THR A 136 3.59 -39.29 -16.18
CA THR A 136 2.35 -39.34 -15.42
C THR A 136 2.58 -40.16 -14.16
N ALA A 137 2.07 -39.68 -13.05
CA ALA A 137 2.31 -40.36 -11.78
C ALA A 137 1.08 -40.33 -10.89
N PRO A 138 0.57 -41.48 -10.47
CA PRO A 138 -0.64 -41.49 -9.61
C PRO A 138 -0.39 -40.90 -8.23
N GLU A 139 0.83 -40.97 -7.72
CA GLU A 139 1.09 -40.53 -6.36
C GLU A 139 2.48 -39.91 -6.34
N VAL A 140 2.56 -38.65 -5.92
CA VAL A 140 3.83 -37.96 -5.73
C VAL A 140 3.78 -37.21 -4.40
N THR A 141 4.96 -36.84 -3.90
CA THR A 141 5.08 -36.14 -2.64
C THR A 141 5.92 -34.87 -2.82
N LEU A 142 5.82 -34.00 -1.82
CA LEU A 142 6.61 -32.78 -1.78
C LEU A 142 8.09 -33.08 -1.77
N LEU A 143 8.49 -34.26 -1.26
CA LEU A 143 9.89 -34.58 -1.11
C LEU A 143 10.40 -35.58 -2.16
N ASN A 144 9.55 -36.18 -2.97
CA ASN A 144 10.12 -37.12 -3.93
C ASN A 144 9.86 -36.68 -5.37
N SER A 145 9.45 -35.43 -5.55
CA SER A 145 9.13 -34.93 -6.86
C SER A 145 9.44 -33.44 -6.86
N ARG A 146 9.31 -32.81 -8.03
CA ARG A 146 9.55 -31.38 -8.13
C ARG A 146 8.24 -30.58 -8.09
N ILE A 147 7.18 -31.09 -7.47
CA ILE A 147 5.92 -30.31 -7.51
C ILE A 147 6.09 -28.96 -6.83
N ILE A 148 7.04 -28.83 -5.91
CA ILE A 148 7.20 -27.55 -5.24
C ILE A 148 7.68 -26.47 -6.20
N TYR A 149 8.26 -26.84 -7.34
CA TYR A 149 8.66 -25.87 -8.36
C TYR A 149 7.49 -25.37 -9.21
N THR A 150 6.25 -25.81 -8.93
CA THR A 150 5.07 -25.25 -9.60
C THR A 150 3.96 -24.99 -8.57
N LEU A 151 3.74 -23.70 -8.26
CA LEU A 151 2.77 -23.28 -7.25
C LEU A 151 1.61 -22.49 -7.87
N SER A 152 1.55 -22.39 -9.19
CA SER A 152 0.44 -21.70 -9.82
C SER A 152 -0.85 -22.44 -9.52
N PRO A 153 -2.00 -21.78 -9.64
CA PRO A 153 -3.25 -22.45 -9.30
C PRO A 153 -3.88 -23.23 -10.46
N THR A 154 -3.16 -23.35 -11.58
CA THR A 154 -3.68 -23.93 -12.83
C THR A 154 -3.62 -25.46 -12.80
N LYS A 155 -4.26 -26.00 -11.77
CA LYS A 155 -4.30 -27.40 -11.40
C LYS A 155 -5.73 -27.73 -11.00
N ILE A 156 -5.97 -29.02 -10.78
CA ILE A 156 -7.25 -29.51 -10.31
C ILE A 156 -7.15 -29.82 -8.83
N TYR A 157 -8.10 -29.28 -8.05
CA TYR A 157 -8.12 -29.46 -6.60
C TYR A 157 -9.47 -30.01 -6.16
N ARG A 158 -9.46 -30.96 -5.22
CA ARG A 158 -10.73 -31.44 -4.68
C ARG A 158 -11.37 -30.30 -3.90
N THR A 159 -12.65 -30.03 -4.19
CA THR A 159 -13.29 -28.85 -3.61
C THR A 159 -13.34 -28.94 -2.08
N ALA A 160 -13.66 -30.13 -1.54
CA ALA A 160 -13.67 -30.30 -0.09
C ALA A 160 -12.28 -30.15 0.53
N LEU A 161 -11.21 -30.45 -0.22
CA LEU A 161 -9.88 -30.24 0.36
C LEU A 161 -9.67 -28.77 0.66
N LEU A 162 -10.08 -27.91 -0.27
CA LEU A 162 -9.96 -26.48 -0.09
C LEU A 162 -10.88 -25.98 1.00
N LYS A 163 -12.14 -26.39 0.95
CA LYS A 163 -13.11 -25.76 1.84
C LYS A 163 -13.02 -26.30 3.26
N ASP A 164 -12.77 -27.62 3.42
CA ASP A 164 -12.70 -28.20 4.77
C ASP A 164 -11.52 -27.65 5.53
N ASN A 165 -10.45 -27.25 4.84
CA ASN A 165 -9.25 -26.71 5.48
C ASN A 165 -9.13 -25.21 5.36
N ASP A 166 -10.19 -24.54 4.89
CA ASP A 166 -10.22 -23.07 4.80
C ASP A 166 -9.05 -22.53 3.97
N ILE A 167 -8.90 -23.05 2.76
CA ILE A 167 -7.79 -22.67 1.89
C ILE A 167 -8.32 -21.67 0.87
N TYR A 168 -7.84 -20.45 0.94
CA TYR A 168 -8.26 -19.37 0.05
C TYR A 168 -7.02 -18.66 -0.46
N PHE A 169 -7.21 -17.83 -1.45
CA PHE A 169 -6.18 -16.93 -1.96
C PHE A 169 -6.09 -15.67 -1.09
N PRO A 170 -4.88 -15.19 -0.80
CA PRO A 170 -4.76 -13.83 -0.26
C PRO A 170 -5.38 -12.84 -1.25
N GLU A 171 -6.06 -11.83 -0.74
CA GLU A 171 -6.72 -10.85 -1.58
C GLU A 171 -5.95 -9.51 -1.57
N GLU A 172 -6.23 -8.66 -2.57
CA GLU A 172 -5.54 -7.36 -2.77
C GLU A 172 -4.02 -7.53 -2.95
N LEU A 173 -3.60 -8.49 -3.74
CA LEU A 173 -2.18 -8.79 -3.91
C LEU A 173 -1.97 -9.15 -5.37
N LYS A 174 -1.12 -8.39 -6.04
CA LYS A 174 -0.99 -8.52 -7.49
C LYS A 174 -0.46 -9.90 -7.89
N SER A 175 0.45 -10.48 -7.10
CA SER A 175 1.09 -11.75 -7.46
C SER A 175 1.72 -12.40 -6.23
N ALA A 176 2.20 -13.65 -6.40
CA ALA A 176 2.63 -14.57 -5.36
C ALA A 176 1.49 -15.07 -4.47
N GLU A 177 0.26 -14.60 -4.69
CA GLU A 177 -0.92 -15.07 -3.96
C GLU A 177 -1.13 -16.57 -4.16
N ASP A 178 -0.71 -17.10 -5.30
CA ASP A 178 -0.97 -18.52 -5.54
C ASP A 178 -0.03 -19.39 -4.72
N GLN A 179 1.15 -18.88 -4.37
CA GLN A 179 2.13 -19.77 -3.78
C GLN A 179 1.64 -20.32 -2.46
N LEU A 180 1.01 -19.46 -1.63
CA LEU A 180 0.51 -19.91 -0.34
C LEU A 180 -0.67 -20.85 -0.53
N PHE A 181 -1.59 -20.51 -1.44
CA PHE A 181 -2.76 -21.32 -1.72
C PHE A 181 -2.36 -22.74 -2.10
N THR A 182 -1.45 -22.87 -3.06
CA THR A 182 -1.11 -24.21 -3.53
C THR A 182 -0.23 -24.95 -2.51
N MET A 183 0.61 -24.23 -1.76
CA MET A 183 1.39 -24.91 -0.73
C MET A 183 0.48 -25.48 0.35
N LYS A 184 -0.52 -24.69 0.77
CA LYS A 184 -1.55 -25.19 1.67
C LYS A 184 -2.25 -26.42 1.09
N ALA A 185 -2.62 -26.37 -0.19
CA ALA A 185 -3.32 -27.51 -0.77
C ALA A 185 -2.39 -28.72 -0.81
N TYR A 186 -1.12 -28.50 -1.14
CA TYR A 186 -0.16 -29.62 -1.10
C TYR A 186 -0.05 -30.20 0.30
N LEU A 187 0.12 -29.32 1.30
CA LEU A 187 0.35 -29.78 2.67
C LEU A 187 -0.85 -30.58 3.24
N ASN A 188 -2.07 -30.30 2.79
CA ASN A 188 -3.25 -30.94 3.34
C ASN A 188 -3.74 -32.15 2.55
N ALA A 189 -3.23 -32.38 1.35
CA ALA A 189 -3.83 -33.39 0.50
C ALA A 189 -3.35 -34.76 0.93
N ASN A 190 -4.23 -35.75 0.82
CA ASN A 190 -3.80 -37.11 1.07
C ASN A 190 -3.06 -37.68 -0.13
N ARG A 191 -3.38 -37.22 -1.33
CA ARG A 191 -2.73 -37.74 -2.52
C ARG A 191 -2.63 -36.65 -3.57
N ILE A 192 -1.44 -36.50 -4.14
CA ILE A 192 -1.12 -35.53 -5.18
C ILE A 192 -0.67 -36.33 -6.38
N SER A 193 -1.20 -36.02 -7.55
CA SER A 193 -0.91 -36.83 -8.73
C SER A 193 -0.49 -35.90 -9.85
N VAL A 194 0.05 -36.49 -10.91
CA VAL A 194 0.53 -35.74 -12.06
C VAL A 194 0.04 -36.46 -13.29
N LEU A 195 -0.69 -35.75 -14.13
CA LEU A 195 -1.20 -36.30 -15.39
C LEU A 195 -0.45 -35.60 -16.52
N SER A 196 0.37 -36.35 -17.25
CA SER A 196 1.21 -35.78 -18.31
C SER A 196 0.95 -36.39 -19.68
N ASP A 197 -0.22 -36.99 -19.93
CA ASP A 197 -0.43 -37.73 -21.16
C ASP A 197 -0.45 -36.83 -22.41
N LYS A 198 -0.93 -35.59 -22.28
CA LYS A 198 -0.77 -34.61 -23.35
C LYS A 198 -0.61 -33.21 -22.76
N ALA A 199 -0.50 -32.23 -23.64
CA ALA A 199 -0.51 -30.84 -23.21
C ALA A 199 -1.94 -30.47 -22.83
N TYR A 200 -2.21 -30.29 -21.53
CA TYR A 200 -3.56 -29.96 -21.08
C TYR A 200 -3.79 -28.46 -20.87
N TYR A 201 -2.89 -27.80 -20.15
CA TYR A 201 -3.06 -26.39 -19.82
C TYR A 201 -2.15 -25.55 -20.74
N TYR A 202 -2.76 -24.78 -21.63
CA TYR A 202 -2.01 -23.85 -22.49
C TYR A 202 -1.94 -22.47 -21.86
N ALA A 203 -0.73 -22.02 -21.58
CA ALA A 203 -0.49 -20.72 -20.97
C ALA A 203 0.10 -19.79 -22.05
N THR A 204 -0.58 -18.69 -22.31
CA THR A 204 -0.20 -17.75 -23.35
C THR A 204 0.65 -16.62 -22.80
N LYS A 205 1.24 -15.84 -23.71
CA LYS A 205 1.79 -14.53 -23.40
C LYS A 205 1.20 -13.51 -24.38
N ARG A 206 0.07 -12.93 -23.97
CA ARG A 206 -0.48 -11.75 -24.63
C ARG A 206 0.20 -10.51 -24.03
N GLU A 207 -0.25 -9.31 -24.39
CA GLU A 207 0.36 -8.12 -23.82
C GLU A 207 -0.70 -7.21 -23.20
N GLY A 208 -0.23 -6.09 -22.64
CA GLY A 208 -0.84 -5.53 -21.46
C GLY A 208 -0.19 -6.16 -20.24
N GLU A 209 -0.58 -5.68 -19.06
CA GLU A 209 0.09 -6.15 -17.85
C GLU A 209 -0.30 -7.60 -17.55
N HIS A 210 0.70 -8.45 -17.35
CA HIS A 210 0.48 -9.73 -16.67
C HIS A 210 0.75 -9.51 -15.18
N MET A 211 -0.16 -10.02 -14.34
CA MET A 211 -0.03 -9.83 -12.89
C MET A 211 1.36 -10.19 -12.39
N SER A 212 1.89 -11.34 -12.81
CA SER A 212 3.15 -11.74 -12.21
C SER A 212 4.32 -10.82 -12.58
N SER A 213 4.11 -9.75 -13.35
CA SER A 213 5.11 -8.71 -13.55
C SER A 213 4.69 -7.35 -12.99
N ALA A 214 3.56 -7.25 -12.29
CA ALA A 214 3.11 -6.00 -11.69
C ALA A 214 3.85 -5.72 -10.38
N TYR A 215 3.85 -4.45 -9.94
CA TYR A 215 4.61 -4.13 -8.74
C TYR A 215 3.91 -4.65 -7.49
N VAL A 216 4.67 -5.32 -6.63
CA VAL A 216 4.27 -5.62 -5.26
C VAL A 216 5.46 -5.26 -4.37
N SER A 217 5.20 -4.51 -3.31
CA SER A 217 6.28 -4.08 -2.45
C SER A 217 7.02 -5.28 -1.86
N PRO A 218 8.29 -5.10 -1.51
CA PRO A 218 9.00 -6.22 -0.85
C PRO A 218 8.27 -6.65 0.39
N GLU A 219 7.65 -5.68 1.09
CA GLU A 219 6.91 -5.99 2.29
C GLU A 219 5.77 -6.99 1.99
N ASP A 220 4.95 -6.70 0.99
CA ASP A 220 3.84 -7.61 0.69
C ASP A 220 4.35 -8.94 0.16
N PHE A 221 5.34 -8.91 -0.74
CA PHE A 221 5.85 -10.16 -1.31
C PHE A 221 6.37 -11.08 -0.22
N TYR A 222 7.23 -10.56 0.67
CA TYR A 222 7.91 -11.42 1.62
C TYR A 222 7.02 -11.77 2.81
N GLU A 223 5.91 -11.05 3.02
CA GLU A 223 4.92 -11.53 3.97
C GLU A 223 4.29 -12.83 3.48
N VAL A 224 4.02 -12.95 2.18
CA VAL A 224 3.50 -14.25 1.70
C VAL A 224 4.55 -15.35 1.90
N MET A 225 5.84 -15.00 1.74
CA MET A 225 6.87 -16.03 1.95
C MET A 225 6.92 -16.48 3.42
N ARG A 226 6.88 -15.52 4.35
CA ARG A 226 6.78 -15.83 5.78
C ARG A 226 5.57 -16.72 6.09
N LEU A 227 4.38 -16.36 5.58
CA LEU A 227 3.22 -17.20 5.82
C LEU A 227 3.45 -18.63 5.34
N ILE A 228 4.15 -18.80 4.22
CA ILE A 228 4.45 -20.15 3.73
C ILE A 228 5.35 -20.88 4.70
N ALA A 229 6.37 -20.21 5.22
CA ALA A 229 7.25 -20.86 6.19
C ALA A 229 6.47 -21.23 7.44
N VAL A 230 5.58 -20.32 7.91
CA VAL A 230 4.75 -20.66 9.07
C VAL A 230 3.85 -21.85 8.76
N GLU A 231 3.22 -21.84 7.58
CA GLU A 231 2.32 -22.92 7.20
C GLU A 231 3.04 -24.27 7.23
N ILE A 232 4.22 -24.35 6.61
CA ILE A 232 4.94 -25.64 6.57
C ILE A 232 5.26 -26.11 7.97
N LEU A 233 5.82 -25.23 8.79
CA LEU A 233 6.28 -25.62 10.11
C LEU A 233 5.12 -25.95 11.03
N ASN A 234 3.90 -25.54 10.67
CA ASN A 234 2.74 -25.93 11.44
C ASN A 234 1.98 -27.08 10.84
N ALA A 235 2.42 -27.62 9.71
CA ALA A 235 1.66 -28.76 9.17
C ALA A 235 1.69 -29.95 10.15
N ASP A 236 0.73 -30.85 9.95
CA ASP A 236 0.60 -32.06 10.75
C ASP A 236 1.45 -33.18 10.14
N LEU A 237 2.76 -33.03 10.30
CA LEU A 237 3.73 -33.91 9.67
C LEU A 237 4.90 -34.07 10.62
N GLU A 238 5.71 -35.11 10.40
CA GLU A 238 6.84 -35.32 11.30
C GLU A 238 7.81 -34.14 11.19
N GLU A 239 8.47 -33.83 12.30
CA GLU A 239 9.30 -32.63 12.34
C GLU A 239 10.36 -32.64 11.23
N ALA A 240 11.06 -33.76 11.03
CA ALA A 240 12.13 -33.76 10.03
C ALA A 240 11.60 -33.53 8.63
N HIS A 241 10.43 -34.08 8.31
CA HIS A 241 9.84 -33.86 6.99
C HIS A 241 9.48 -32.39 6.79
N LYS A 242 8.93 -31.75 7.82
CA LYS A 242 8.60 -30.32 7.71
C LYS A 242 9.82 -29.50 7.40
N ASP A 243 10.93 -29.76 8.14
CA ASP A 243 12.17 -29.04 7.88
C ASP A 243 12.63 -29.26 6.45
N GLN A 244 12.50 -30.51 5.99
CA GLN A 244 12.95 -30.85 4.64
C GLN A 244 12.09 -30.18 3.59
N ILE A 245 10.77 -30.09 3.81
CA ILE A 245 9.92 -29.34 2.88
C ILE A 245 10.27 -27.85 2.88
N LEU A 246 10.42 -27.25 4.04
CA LEU A 246 10.86 -25.85 4.09
C LEU A 246 12.17 -25.64 3.35
N ALA A 247 13.16 -26.53 3.56
CA ALA A 247 14.41 -26.40 2.83
C ALA A 247 14.19 -26.44 1.32
N GLU A 248 13.36 -27.38 0.84
CA GLU A 248 13.10 -27.44 -0.60
C GLU A 248 12.42 -26.16 -1.09
N PHE A 249 11.48 -25.65 -0.30
CA PHE A 249 10.85 -24.39 -0.67
C PHE A 249 11.89 -23.27 -0.74
N LEU A 250 12.85 -23.28 0.18
CA LEU A 250 13.89 -22.25 0.16
C LEU A 250 14.81 -22.41 -1.06
N ASN A 251 15.14 -23.66 -1.45
CA ASN A 251 15.94 -23.87 -2.67
C ASN A 251 15.24 -23.25 -3.89
N ARG A 252 13.96 -23.59 -4.06
CA ARG A 252 13.16 -23.03 -5.14
C ARG A 252 13.18 -21.50 -5.09
N HIS A 253 12.88 -20.95 -3.91
CA HIS A 253 12.64 -19.50 -3.79
C HIS A 253 13.89 -18.71 -4.14
N PHE A 254 15.04 -19.12 -3.57
CA PHE A 254 16.29 -18.40 -3.78
C PHE A 254 16.84 -18.61 -5.17
N SER A 255 16.40 -19.69 -5.87
CA SER A 255 16.83 -19.93 -7.23
C SER A 255 15.97 -19.20 -8.25
N PHE A 256 14.64 -19.08 -8.01
CA PHE A 256 13.78 -18.67 -9.09
C PHE A 256 13.01 -17.40 -8.81
N SER A 257 12.93 -16.94 -7.60
CA SER A 257 12.14 -15.75 -7.33
C SER A 257 12.99 -14.50 -7.50
N ARG A 258 12.33 -13.34 -7.33
CA ARG A 258 12.99 -12.03 -7.36
C ARG A 258 14.05 -11.89 -6.28
N THR A 259 14.04 -12.75 -5.26
CA THR A 259 15.13 -12.74 -4.30
C THR A 259 16.47 -13.01 -4.99
N ASN A 260 16.45 -13.90 -5.98
CA ASN A 260 17.73 -14.26 -6.63
C ASN A 260 18.46 -13.06 -7.24
N GLY A 261 19.60 -12.66 -6.68
CA GLY A 261 20.31 -11.54 -7.27
C GLY A 261 19.78 -10.15 -6.93
N PHE A 262 18.84 -10.00 -5.97
CA PHE A 262 18.22 -8.68 -5.78
C PHE A 262 19.25 -7.62 -5.38
N SER A 263 20.30 -8.02 -4.67
CA SER A 263 21.34 -7.05 -4.27
C SER A 263 22.22 -6.63 -5.43
N LEU A 264 22.17 -7.33 -6.56
CA LEU A 264 22.85 -6.86 -7.76
C LEU A 264 21.96 -5.96 -8.62
N LYS A 265 20.65 -6.16 -8.55
CA LYS A 265 19.73 -5.50 -9.49
C LYS A 265 18.98 -4.30 -8.91
N VAL A 266 18.61 -4.35 -7.63
CA VAL A 266 17.82 -3.31 -6.99
C VAL A 266 18.69 -2.08 -6.72
N LYS A 267 18.14 -0.90 -6.98
CA LYS A 267 18.84 0.33 -6.63
C LYS A 267 19.38 0.24 -5.22
N LEU A 268 20.65 0.60 -5.05
CA LEU A 268 21.25 0.54 -3.70
C LEU A 268 20.32 1.14 -2.64
N GLU A 269 19.74 2.30 -2.93
CA GLU A 269 19.01 3.01 -1.88
C GLU A 269 17.69 2.35 -1.52
N GLU A 270 17.21 1.38 -2.32
CA GLU A 270 16.05 0.57 -2.01
C GLU A 270 16.38 -0.72 -1.29
N GLN A 271 17.66 -1.14 -1.24
CA GLN A 271 17.95 -2.47 -0.75
C GLN A 271 17.68 -2.65 0.73
N PRO A 272 17.80 -1.62 1.60
CA PRO A 272 17.41 -1.86 3.00
C PRO A 272 15.95 -2.23 3.17
N GLN A 273 15.06 -1.75 2.30
CA GLN A 273 13.68 -2.23 2.38
C GLN A 273 13.62 -3.72 2.04
N TRP A 274 14.39 -4.13 1.05
CA TRP A 274 14.42 -5.55 0.66
C TRP A 274 14.97 -6.43 1.80
N ILE A 275 16.11 -6.04 2.40
CA ILE A 275 16.68 -6.96 3.40
C ILE A 275 15.85 -6.97 4.66
N ASN A 276 15.19 -5.86 5.01
CA ASN A 276 14.31 -5.91 6.15
C ASN A 276 13.12 -6.85 5.88
N ALA A 277 12.52 -6.79 4.71
CA ALA A 277 11.39 -7.69 4.44
C ALA A 277 11.85 -9.14 4.27
N LEU A 278 12.90 -9.38 3.48
CA LEU A 278 13.43 -10.73 3.38
C LEU A 278 13.84 -11.26 4.75
N GLY A 279 14.49 -10.45 5.57
CA GLY A 279 14.89 -10.97 6.87
C GLY A 279 13.69 -11.36 7.73
N ASP A 280 12.56 -10.63 7.62
CA ASP A 280 11.37 -11.01 8.41
C ASP A 280 10.86 -12.38 7.98
N PHE A 281 11.06 -12.72 6.71
CA PHE A 281 10.70 -14.05 6.21
C PHE A 281 11.72 -15.09 6.69
N ILE A 282 13.02 -14.81 6.53
CA ILE A 282 14.03 -15.81 6.95
C ILE A 282 14.02 -15.99 8.47
N GLN A 283 13.57 -14.98 9.24
CA GLN A 283 13.54 -15.15 10.69
C GLN A 283 12.48 -16.13 11.15
N ALA A 284 11.51 -16.41 10.31
CA ALA A 284 10.57 -17.48 10.60
C ALA A 284 11.15 -18.87 10.31
N VAL A 285 12.29 -18.96 9.62
CA VAL A 285 12.93 -20.23 9.30
C VAL A 285 13.92 -20.57 10.42
N PRO A 286 13.70 -21.62 11.20
CA PRO A 286 14.69 -21.97 12.22
C PRO A 286 16.05 -22.22 11.58
N GLU A 287 17.11 -21.75 12.24
CA GLU A 287 18.47 -21.85 11.72
C GLU A 287 18.90 -23.28 11.41
N ARG A 288 18.36 -24.27 12.12
CA ARG A 288 18.77 -25.66 11.82
C ARG A 288 18.40 -26.06 10.40
N VAL A 289 17.47 -25.35 9.76
CA VAL A 289 17.04 -25.73 8.43
C VAL A 289 18.12 -25.38 7.43
N ASP A 290 19.00 -24.42 7.76
CA ASP A 290 19.97 -23.95 6.78
C ASP A 290 20.89 -25.08 6.35
N ALA A 291 21.15 -26.01 7.25
CA ALA A 291 22.01 -27.17 6.99
C ALA A 291 21.40 -28.08 5.94
N LEU A 292 20.10 -27.94 5.69
CA LEU A 292 19.47 -28.79 4.68
C LEU A 292 19.32 -28.14 3.31
N VAL A 293 19.51 -26.82 3.18
CA VAL A 293 19.36 -26.16 1.87
C VAL A 293 20.65 -26.34 1.05
N MET A 294 20.62 -26.00 -0.24
CA MET A 294 21.83 -25.96 -1.06
C MET A 294 22.92 -25.14 -0.37
N SER A 295 24.14 -25.70 -0.27
CA SER A 295 25.17 -25.00 0.48
C SER A 295 25.40 -23.55 0.02
N LYS A 296 25.28 -23.26 -1.26
CA LYS A 296 25.50 -21.86 -1.69
C LYS A 296 24.49 -20.90 -1.08
N LEU A 297 23.34 -21.40 -0.60
CA LEU A 297 22.35 -20.48 -0.02
C LEU A 297 22.60 -20.18 1.44
N ARG A 298 23.44 -21.01 2.11
CA ARG A 298 23.60 -20.90 3.56
C ARG A 298 24.13 -19.53 3.98
N PRO A 299 25.09 -18.91 3.27
CA PRO A 299 25.47 -17.53 3.68
C PRO A 299 24.39 -16.51 3.39
N LEU A 300 23.55 -16.73 2.37
CA LEU A 300 22.48 -15.75 2.13
C LEU A 300 21.45 -15.82 3.26
N LEU A 301 21.10 -17.04 3.68
CA LEU A 301 20.20 -17.19 4.83
C LEU A 301 20.80 -16.55 6.07
N HIS A 302 22.10 -16.79 6.30
CA HIS A 302 22.80 -16.17 7.44
C HIS A 302 22.64 -14.65 7.44
N TYR A 303 23.03 -13.99 6.36
CA TYR A 303 23.01 -12.51 6.36
C TYR A 303 21.60 -11.94 6.22
N ALA A 304 20.67 -12.67 5.60
CA ALA A 304 19.28 -12.24 5.61
C ALA A 304 18.73 -12.26 7.03
N ARG A 305 18.99 -13.35 7.75
CA ARG A 305 18.48 -13.45 9.12
C ARG A 305 19.06 -12.33 10.01
N ALA A 306 20.34 -11.96 9.80
CA ALA A 306 20.90 -10.80 10.52
C ALA A 306 20.52 -9.44 9.91
N LYS A 307 19.70 -9.40 8.85
CA LYS A 307 19.38 -8.14 8.15
C LYS A 307 20.62 -7.32 7.83
N ASP A 308 21.60 -7.98 7.23
CA ASP A 308 22.93 -7.41 7.01
C ASP A 308 23.13 -7.28 5.48
N ILE A 309 22.68 -6.16 4.90
CA ILE A 309 22.70 -6.04 3.44
C ILE A 309 24.13 -5.95 2.89
N ASP A 310 25.03 -5.30 3.63
CA ASP A 310 26.37 -5.14 3.13
C ASP A 310 27.05 -6.50 2.93
N ASN A 311 26.92 -7.41 3.91
CA ASN A 311 27.45 -8.77 3.75
C ASN A 311 26.59 -9.63 2.82
N TYR A 312 25.27 -9.44 2.80
CA TYR A 312 24.45 -10.14 1.80
C TYR A 312 24.92 -9.78 0.40
N ARG A 313 25.12 -8.49 0.15
CA ARG A 313 25.53 -8.01 -1.18
C ARG A 313 26.92 -8.47 -1.54
N THR A 314 27.87 -8.44 -0.59
CA THR A 314 29.18 -9.02 -0.84
C THR A 314 29.09 -10.48 -1.28
N VAL A 315 28.24 -11.27 -0.63
CA VAL A 315 28.07 -12.66 -1.07
C VAL A 315 27.62 -12.72 -2.53
N GLU A 316 26.57 -11.97 -2.88
CA GLU A 316 26.01 -12.05 -4.23
C GLU A 316 27.02 -11.57 -5.27
N GLU A 317 27.77 -10.47 -4.96
CA GLU A 317 28.72 -9.98 -5.92
C GLU A 317 29.90 -10.95 -6.03
N SER A 318 30.26 -11.59 -4.92
CA SER A 318 31.34 -12.59 -4.94
C SER A 318 30.99 -13.74 -5.85
N TYR A 319 29.78 -14.29 -5.69
CA TYR A 319 29.31 -15.34 -6.59
C TYR A 319 29.37 -14.86 -8.03
N ARG A 320 28.83 -13.66 -8.29
CA ARG A 320 28.71 -13.20 -9.67
C ARG A 320 30.08 -12.98 -10.32
N GLN A 321 31.01 -12.38 -9.57
CA GLN A 321 32.35 -12.13 -10.05
C GLN A 321 33.27 -13.34 -9.90
N GLY A 322 32.93 -14.27 -9.01
CA GLY A 322 33.83 -15.39 -8.75
C GLY A 322 35.10 -14.95 -8.05
N GLN A 323 35.00 -13.97 -7.18
CA GLN A 323 36.10 -13.39 -6.42
C GLN A 323 35.72 -13.45 -4.95
N TYR A 324 36.53 -14.10 -4.14
CA TYR A 324 36.16 -14.27 -2.73
C TYR A 324 37.26 -13.69 -1.85
N TYR A 325 36.88 -13.26 -0.65
CA TYR A 325 37.88 -12.76 0.30
C TYR A 325 38.91 -13.83 0.65
N ARG A 326 38.47 -14.99 1.11
CA ARG A 326 39.35 -16.17 1.21
C ARG A 326 38.54 -17.40 0.86
N PHE A 327 39.22 -18.42 0.34
CA PHE A 327 38.51 -19.68 0.21
C PHE A 327 39.51 -20.82 0.07
N ASP A 328 39.03 -21.97 0.49
CA ASP A 328 39.67 -23.27 0.34
C ASP A 328 38.90 -24.05 -0.70
N ILE A 329 39.59 -25.00 -1.36
CA ILE A 329 38.93 -25.99 -2.18
C ILE A 329 39.06 -27.33 -1.47
N VAL A 330 37.93 -27.90 -1.06
CA VAL A 330 37.90 -29.18 -0.37
C VAL A 330 36.88 -30.06 -1.08
N ASP A 331 37.32 -31.28 -1.41
CA ASP A 331 36.46 -32.24 -2.09
C ASP A 331 35.77 -31.61 -3.30
N GLY A 332 36.54 -30.84 -4.10
CA GLY A 332 36.02 -30.22 -5.30
C GLY A 332 34.98 -29.12 -5.09
N LYS A 333 34.72 -28.70 -3.86
CA LYS A 333 33.78 -27.62 -3.53
C LYS A 333 34.51 -26.49 -2.81
N LEU A 334 33.83 -25.34 -2.67
CA LEU A 334 34.48 -24.18 -2.06
C LEU A 334 34.04 -24.00 -0.60
N ASN A 335 35.00 -23.73 0.27
CA ASN A 335 34.76 -23.30 1.63
C ASN A 335 35.14 -21.81 1.65
N ILE A 336 34.15 -20.93 1.75
CA ILE A 336 34.34 -19.53 1.46
C ILE A 336 34.12 -18.70 2.71
N GLN A 337 35.04 -17.78 2.96
CA GLN A 337 34.85 -16.65 3.87
C GLN A 337 34.65 -15.40 3.01
N PHE A 338 33.50 -14.75 3.14
CA PHE A 338 33.24 -13.66 2.20
C PHE A 338 33.80 -12.30 2.63
N ASN A 339 34.25 -12.16 3.88
CA ASN A 339 34.68 -10.88 4.41
C ASN A 339 35.55 -11.14 5.63
N GLU A 340 36.46 -10.22 5.90
CA GLU A 340 37.32 -10.38 7.06
C GLU A 340 36.49 -10.55 8.34
N GLY A 341 36.92 -11.50 9.18
CA GLY A 341 36.29 -11.77 10.46
C GLY A 341 34.98 -12.52 10.39
N GLU A 342 34.51 -12.87 9.23
CA GLU A 342 33.22 -13.49 9.09
C GLU A 342 33.37 -15.01 9.07
N PRO A 343 32.29 -15.77 9.28
CA PRO A 343 32.39 -17.24 9.25
C PRO A 343 32.79 -17.75 7.88
N TYR A 344 33.43 -18.94 7.86
CA TYR A 344 33.54 -19.71 6.62
C TYR A 344 32.26 -20.50 6.41
N PHE A 345 31.80 -20.57 5.18
CA PHE A 345 30.67 -21.40 4.79
C PHE A 345 31.14 -22.52 3.86
N GLU A 346 30.82 -23.76 4.20
CA GLU A 346 31.46 -24.93 3.59
C GLU A 346 30.58 -25.57 2.52
N GLY A 347 31.25 -26.28 1.58
CA GLY A 347 30.56 -27.18 0.65
C GLY A 347 29.92 -26.51 -0.55
N ILE A 348 30.37 -25.33 -0.90
CA ILE A 348 29.63 -24.53 -1.90
C ILE A 348 29.98 -24.98 -3.31
N ASP A 349 28.95 -25.28 -4.09
CA ASP A 349 29.07 -25.72 -5.47
C ASP A 349 27.78 -25.29 -6.20
N MET B 1 18.11 27.08 24.24
CA MET B 1 18.12 27.43 22.83
C MET B 1 16.71 27.68 22.32
N LYS B 2 16.50 28.73 21.52
CA LYS B 2 15.14 29.21 21.29
C LYS B 2 14.37 28.38 20.25
N PHE B 3 14.99 28.11 19.09
CA PHE B 3 14.30 27.49 17.93
C PHE B 3 15.09 26.32 17.36
N SER B 4 14.39 25.29 16.91
CA SER B 4 15.00 24.32 16.03
C SER B 4 14.24 24.40 14.72
N VAL B 5 14.93 24.73 13.63
CA VAL B 5 14.28 24.76 12.33
C VAL B 5 14.42 23.35 11.74
N ILE B 6 13.31 22.67 11.53
CA ILE B 6 13.34 21.28 11.09
C ILE B 6 13.14 21.26 9.57
N VAL B 7 14.06 20.61 8.87
CA VAL B 7 14.05 20.63 7.41
C VAL B 7 14.16 19.20 6.88
N PRO B 8 13.07 18.61 6.40
CA PRO B 8 13.18 17.29 5.73
C PRO B 8 13.54 17.52 4.28
N THR B 9 14.52 16.78 3.77
CA THR B 9 14.97 16.98 2.39
C THR B 9 14.89 15.67 1.61
N TYR B 10 14.67 15.80 0.30
CA TYR B 10 14.62 14.62 -0.57
C TYR B 10 14.91 15.09 -1.99
N ASN B 11 16.11 14.77 -2.50
CA ASN B 11 16.55 15.15 -3.83
C ASN B 11 16.26 16.62 -4.09
N SER B 12 16.63 17.45 -3.12
CA SER B 12 16.33 18.87 -3.08
C SER B 12 17.48 19.73 -3.58
N GLU B 13 18.40 19.15 -4.37
CA GLU B 13 19.66 19.87 -4.65
C GLU B 13 19.40 21.18 -5.39
N LYS B 14 18.34 21.26 -6.19
CA LYS B 14 18.14 22.37 -7.11
C LYS B 14 17.45 23.54 -6.46
N TYR B 15 17.02 23.41 -5.21
CA TYR B 15 16.45 24.55 -4.51
C TYR B 15 16.91 24.72 -3.07
N ILE B 16 17.60 23.75 -2.45
CA ILE B 16 17.86 23.82 -1.01
C ILE B 16 18.71 25.03 -0.67
N THR B 17 19.47 25.55 -1.63
CA THR B 17 20.33 26.68 -1.35
C THR B 17 19.50 27.91 -0.98
N GLU B 18 18.38 28.14 -1.68
CA GLU B 18 17.54 29.30 -1.34
C GLU B 18 17.12 29.24 0.12
N LEU B 19 16.66 28.07 0.58
CA LEU B 19 16.30 27.93 1.98
C LEU B 19 17.48 28.22 2.90
N LEU B 20 18.63 27.57 2.67
CA LEU B 20 19.75 27.71 3.60
C LEU B 20 20.27 29.15 3.68
N ASN B 21 20.31 29.85 2.53
CA ASN B 21 20.73 31.26 2.55
C ASN B 21 19.77 32.10 3.38
N SER B 22 18.47 31.76 3.36
CA SER B 22 17.50 32.52 4.13
C SER B 22 17.66 32.24 5.61
N LEU B 23 18.14 31.05 5.96
CA LEU B 23 18.47 30.74 7.35
C LEU B 23 19.74 31.47 7.78
N ALA B 24 20.77 31.46 6.94
CA ALA B 24 22.02 32.11 7.30
C ALA B 24 21.84 33.62 7.39
N LYS B 25 20.90 34.19 6.62
CA LYS B 25 20.59 35.62 6.65
C LYS B 25 19.65 36.03 7.79
N GLN B 26 19.24 35.11 8.67
CA GLN B 26 18.41 35.49 9.82
C GLN B 26 19.12 36.56 10.66
N ASP B 27 18.37 37.64 10.95
CA ASP B 27 18.76 38.67 11.91
C ASP B 27 18.43 38.19 13.32
N PHE B 28 19.14 37.14 13.74
CA PHE B 28 18.93 36.37 14.94
C PHE B 28 20.20 35.57 15.16
N PRO B 29 20.61 35.31 16.41
CA PRO B 29 21.92 34.69 16.63
C PRO B 29 21.92 33.21 16.28
N LYS B 30 22.97 32.79 15.56
CA LYS B 30 23.12 31.40 15.18
C LYS B 30 23.35 30.48 16.37
N THR B 31 23.72 31.04 17.52
CA THR B 31 23.83 30.33 18.78
C THR B 31 22.48 30.08 19.44
N GLU B 32 21.42 30.76 19.01
CA GLU B 32 20.10 30.64 19.60
C GLU B 32 19.14 29.82 18.74
N PHE B 33 19.60 29.31 17.60
CA PHE B 33 18.78 28.34 16.86
C PHE B 33 19.69 27.34 16.18
N GLU B 34 19.10 26.20 15.87
CA GLU B 34 19.76 25.11 15.17
C GLU B 34 18.90 24.74 13.97
N VAL B 35 19.54 24.22 12.93
CA VAL B 35 18.83 23.76 11.75
C VAL B 35 19.02 22.26 11.72
N VAL B 36 17.92 21.51 11.85
CA VAL B 36 17.98 20.06 11.95
C VAL B 36 17.51 19.51 10.61
N VAL B 37 18.48 19.09 9.79
CA VAL B 37 18.22 18.57 8.46
C VAL B 37 18.16 17.05 8.57
N VAL B 38 17.07 16.43 8.13
CA VAL B 38 17.02 14.98 8.02
C VAL B 38 16.72 14.62 6.58
N ASP B 39 17.68 13.99 5.91
CA ASP B 39 17.56 13.74 4.50
C ASP B 39 16.96 12.35 4.28
N ASP B 40 15.96 12.31 3.43
CA ASP B 40 15.15 11.11 3.24
C ASP B 40 15.77 10.28 2.11
N CYS B 41 17.04 9.92 2.34
CA CYS B 41 17.80 9.08 1.41
C CYS B 41 17.80 9.69 0.01
N SER B 42 18.21 10.97 -0.10
CA SER B 42 18.43 11.58 -1.41
C SER B 42 19.54 10.84 -2.17
N THR B 43 19.43 10.84 -3.49
CA THR B 43 20.48 10.31 -4.36
C THR B 43 21.28 11.38 -5.09
N ASP B 44 20.95 12.67 -4.92
CA ASP B 44 21.59 13.78 -5.60
C ASP B 44 22.54 14.50 -4.63
N GLN B 45 23.02 15.70 -5.00
CA GLN B 45 24.03 16.44 -4.24
C GLN B 45 23.48 17.13 -3.00
N THR B 46 22.29 16.74 -2.50
CA THR B 46 21.62 17.50 -1.46
C THR B 46 22.51 17.67 -0.22
N LEU B 47 23.12 16.58 0.27
CA LEU B 47 23.84 16.71 1.52
C LEU B 47 25.16 17.46 1.36
N GLN B 48 25.76 17.48 0.16
CA GLN B 48 27.00 18.22 -0.02
C GLN B 48 26.75 19.72 0.01
N ILE B 49 25.60 20.15 -0.53
CA ILE B 49 25.24 21.55 -0.45
C ILE B 49 24.96 21.93 0.99
N VAL B 50 24.26 21.06 1.73
CA VAL B 50 24.00 21.33 3.14
C VAL B 50 25.33 21.50 3.91
N GLU B 51 26.33 20.64 3.64
CA GLU B 51 27.60 20.74 4.36
C GLU B 51 28.28 22.09 4.15
N LYS B 52 28.04 22.74 3.00
CA LYS B 52 28.61 24.06 2.76
C LYS B 52 28.22 25.09 3.82
N TYR B 53 27.19 24.84 4.63
CA TYR B 53 26.73 25.78 5.65
C TYR B 53 27.08 25.34 7.07
N ARG B 54 27.95 24.33 7.23
CA ARG B 54 28.30 23.81 8.55
C ARG B 54 28.83 24.88 9.51
N ASN B 55 29.42 25.96 8.99
CA ASN B 55 29.90 27.03 9.86
C ASN B 55 29.11 28.32 9.72
N LYS B 56 28.15 28.38 8.80
CA LYS B 56 27.20 29.50 8.80
C LYS B 56 26.03 29.23 9.73
N LEU B 57 25.64 27.97 9.87
CA LEU B 57 24.50 27.59 10.67
C LEU B 57 24.93 26.64 11.78
N ASN B 58 24.18 26.64 12.86
CA ASN B 58 24.27 25.56 13.84
C ASN B 58 23.53 24.36 13.23
N LEU B 59 24.26 23.50 12.54
CA LEU B 59 23.71 22.48 11.66
C LEU B 59 23.77 21.10 12.31
N LYS B 60 22.63 20.38 12.33
CA LYS B 60 22.61 18.94 12.60
C LYS B 60 22.05 18.23 11.37
N VAL B 61 22.82 17.30 10.82
CA VAL B 61 22.48 16.66 9.54
C VAL B 61 22.47 15.14 9.74
N SER B 62 21.45 14.47 9.24
CA SER B 62 21.52 13.02 9.20
C SER B 62 20.71 12.53 8.01
N GLN B 63 20.85 11.25 7.70
CA GLN B 63 20.22 10.65 6.53
C GLN B 63 19.59 9.33 6.91
N LEU B 64 18.33 9.15 6.53
CA LEU B 64 17.66 7.86 6.67
C LEU B 64 18.23 6.89 5.64
N GLU B 65 18.37 5.62 6.05
CA GLU B 65 18.97 4.65 5.16
C GLU B 65 18.07 4.28 3.99
N THR B 66 16.80 4.69 3.98
CA THR B 66 15.97 4.40 2.82
C THR B 66 14.85 5.44 2.78
N ASN B 67 14.34 5.72 1.59
CA ASN B 67 13.35 6.77 1.47
C ASN B 67 12.07 6.34 2.19
N SER B 68 11.53 7.22 3.04
CA SER B 68 10.44 6.84 3.93
C SER B 68 9.04 6.94 3.30
N GLY B 69 8.90 7.46 2.08
CA GLY B 69 7.57 7.60 1.52
C GLY B 69 6.84 8.88 1.89
N GLY B 70 7.53 9.88 2.46
CA GLY B 70 6.93 11.17 2.73
C GLY B 70 7.67 12.03 3.72
N PRO B 71 7.14 13.24 3.99
CA PRO B 71 7.80 14.15 4.95
C PRO B 71 7.75 13.67 6.39
N GLY B 72 6.83 12.77 6.72
CA GLY B 72 6.52 12.49 8.12
C GLY B 72 7.69 11.92 8.90
N LYS B 73 8.33 10.85 8.37
CA LYS B 73 9.38 10.20 9.15
C LYS B 73 10.59 11.12 9.33
N PRO B 74 11.11 11.81 8.31
CA PRO B 74 12.24 12.72 8.60
C PRO B 74 11.90 13.86 9.55
N ARG B 75 10.65 14.38 9.54
CA ARG B 75 10.35 15.41 10.54
C ARG B 75 10.31 14.81 11.94
N ASN B 76 9.79 13.56 12.07
CA ASN B 76 9.75 12.89 13.38
C ASN B 76 11.15 12.63 13.92
N VAL B 77 12.08 12.17 13.07
CA VAL B 77 13.48 11.98 13.49
C VAL B 77 14.09 13.29 13.93
N ALA B 78 13.83 14.35 13.18
CA ALA B 78 14.35 15.66 13.52
C ALA B 78 13.74 16.17 14.81
N LEU B 79 12.43 15.97 15.00
CA LEU B 79 11.76 16.43 16.21
C LEU B 79 12.35 15.76 17.46
N LYS B 80 12.65 14.45 17.38
CA LYS B 80 13.31 13.82 18.54
C LYS B 80 14.70 14.37 18.79
N GLN B 81 15.45 14.72 17.73
CA GLN B 81 16.77 15.29 17.88
C GLN B 81 16.72 16.71 18.39
N ALA B 82 15.66 17.45 18.06
CA ALA B 82 15.65 18.89 18.28
C ALA B 82 15.80 19.26 19.75
N GLU B 83 16.61 20.29 20.02
CA GLU B 83 16.81 20.82 21.36
C GLU B 83 16.26 22.22 21.57
N GLY B 84 15.64 22.83 20.56
CA GLY B 84 15.15 24.18 20.72
C GLY B 84 13.89 24.24 21.58
N GLU B 85 13.64 25.42 22.14
CA GLU B 85 12.43 25.61 22.94
C GLU B 85 11.16 25.49 22.08
N PHE B 86 11.26 25.88 20.81
CA PHE B 86 10.19 25.83 19.83
C PHE B 86 10.74 25.20 18.56
N VAL B 87 9.87 24.58 17.77
CA VAL B 87 10.26 24.10 16.46
C VAL B 87 9.53 24.92 15.40
N LEU B 88 10.21 25.08 14.26
CA LEU B 88 9.63 25.64 13.05
C LEU B 88 9.97 24.68 11.93
N PHE B 89 8.94 24.14 11.26
CA PHE B 89 9.13 23.27 10.11
C PHE B 89 9.12 24.11 8.84
N VAL B 90 10.17 23.98 8.05
CA VAL B 90 10.24 24.62 6.75
C VAL B 90 10.54 23.54 5.74
N ASP B 91 9.86 23.58 4.61
CA ASP B 91 10.18 22.61 3.57
C ASP B 91 11.33 23.10 2.72
N SER B 92 11.99 22.12 2.09
CA SER B 92 13.30 22.36 1.50
C SER B 92 13.23 23.25 0.26
N ASP B 93 12.05 23.38 -0.33
CA ASP B 93 11.82 24.26 -1.47
C ASP B 93 11.28 25.62 -1.05
N ASP B 94 11.14 25.87 0.24
CA ASP B 94 10.62 27.15 0.75
C ASP B 94 11.75 27.97 1.34
N TYR B 95 11.41 29.14 1.87
CA TYR B 95 12.36 29.97 2.61
C TYR B 95 11.56 31.00 3.41
N ILE B 96 12.26 31.70 4.30
CA ILE B 96 11.62 32.51 5.33
C ILE B 96 12.29 33.87 5.40
N ASN B 97 11.55 34.82 5.95
CA ASN B 97 11.98 36.21 6.07
C ASN B 97 13.13 36.35 7.06
N LYS B 98 14.03 37.33 6.78
CA LYS B 98 15.18 37.64 7.62
C LYS B 98 14.79 37.81 9.09
N GLU B 99 13.63 38.44 9.33
CA GLU B 99 13.18 38.82 10.66
C GLU B 99 12.33 37.75 11.34
N THR B 100 12.14 36.59 10.72
CA THR B 100 11.19 35.60 11.23
C THR B 100 11.48 35.23 12.68
N LEU B 101 12.68 34.71 12.95
CA LEU B 101 12.95 34.24 14.30
C LEU B 101 12.99 35.37 15.31
N LYS B 102 13.59 36.49 14.94
CA LYS B 102 13.57 37.65 15.82
C LYS B 102 12.14 38.06 16.15
N ASP B 103 11.32 38.29 15.12
CA ASP B 103 9.93 38.68 15.34
C ASP B 103 9.18 37.64 16.17
N ALA B 104 9.33 36.36 15.82
CA ALA B 104 8.65 35.31 16.56
C ALA B 104 9.13 35.24 18.00
N ALA B 105 10.43 35.46 18.23
CA ALA B 105 10.94 35.31 19.59
C ALA B 105 10.40 36.42 20.48
N ALA B 106 10.44 37.66 19.99
CA ALA B 106 9.86 38.76 20.75
C ALA B 106 8.37 38.51 21.03
N PHE B 107 7.62 38.07 20.02
CA PHE B 107 6.18 37.86 20.18
C PHE B 107 5.90 36.78 21.23
N ILE B 108 6.67 35.69 21.18
CA ILE B 108 6.52 34.60 22.15
C ILE B 108 6.87 35.08 23.55
N ASP B 109 7.98 35.80 23.68
CA ASP B 109 8.40 36.27 24.99
C ASP B 109 7.30 37.08 25.65
N GLU B 110 6.52 37.82 24.85
CA GLU B 110 5.46 38.66 25.41
C GLU B 110 4.14 37.91 25.60
N HIS B 111 3.81 36.97 24.73
CA HIS B 111 2.49 36.37 24.77
C HIS B 111 2.47 34.90 25.13
N HIS B 112 3.61 34.20 25.10
CA HIS B 112 3.74 32.83 25.59
C HIS B 112 2.84 31.87 24.78
N SER B 113 2.88 32.04 23.47
CA SER B 113 2.20 31.16 22.54
C SER B 113 2.72 29.73 22.64
N ASP B 114 1.82 28.75 22.51
CA ASP B 114 2.19 27.34 22.39
C ASP B 114 2.24 26.88 20.96
N VAL B 115 1.50 27.57 20.09
CA VAL B 115 1.53 27.39 18.66
C VAL B 115 1.47 28.79 18.06
N LEU B 116 2.38 29.11 17.16
CA LEU B 116 2.42 30.44 16.55
C LEU B 116 2.29 30.32 15.04
N LEU B 117 1.16 30.77 14.50
CA LEU B 117 1.00 30.83 13.05
C LEU B 117 1.72 32.07 12.52
N ILE B 118 2.49 31.92 11.44
CA ILE B 118 3.18 33.07 10.86
C ILE B 118 2.71 33.24 9.42
N LYS B 119 2.56 34.49 9.00
CA LYS B 119 1.92 34.79 7.73
C LYS B 119 2.75 34.22 6.59
N MET B 120 2.05 33.59 5.64
CA MET B 120 2.61 32.96 4.46
C MET B 120 2.45 33.85 3.23
N LYS B 121 3.36 33.69 2.28
CA LYS B 121 3.21 34.29 0.96
C LYS B 121 3.55 33.25 -0.09
N GLY B 122 2.71 33.17 -1.13
CA GLY B 122 2.98 32.28 -2.24
C GLY B 122 3.96 32.91 -3.22
N VAL B 123 4.90 32.11 -3.72
CA VAL B 123 5.89 32.54 -4.70
C VAL B 123 5.59 31.82 -6.02
N ASN B 124 5.81 32.55 -7.13
CA ASN B 124 5.40 32.24 -8.51
C ASN B 124 4.26 31.23 -8.66
N GLY B 125 3.04 31.67 -8.32
CA GLY B 125 1.83 30.90 -8.55
C GLY B 125 1.40 30.01 -7.41
N ARG B 126 2.12 30.00 -6.31
CA ARG B 126 1.83 29.09 -5.20
C ARG B 126 0.68 29.64 -4.36
N GLY B 127 -0.37 28.85 -4.19
CA GLY B 127 -1.50 29.29 -3.38
C GLY B 127 -1.19 29.09 -1.91
N VAL B 128 -1.43 30.11 -1.11
CA VAL B 128 -1.25 29.97 0.34
C VAL B 128 -2.52 30.43 1.06
N PRO B 129 -2.82 29.90 2.24
CA PRO B 129 -3.97 30.38 2.98
C PRO B 129 -3.77 31.81 3.42
N GLN B 130 -4.87 32.58 3.43
CA GLN B 130 -4.79 33.98 3.84
C GLN B 130 -5.93 34.41 4.76
N SER B 131 -7.05 33.67 4.81
CA SER B 131 -8.18 34.13 5.61
C SER B 131 -7.83 34.27 7.09
N MET B 132 -6.83 33.53 7.60
CA MET B 132 -6.51 33.65 9.03
C MET B 132 -5.37 34.62 9.31
N PHE B 133 -4.83 35.29 8.29
CA PHE B 133 -3.61 36.06 8.44
C PHE B 133 -3.81 37.56 8.28
N LYS B 134 -5.04 38.06 8.44
CA LYS B 134 -5.34 39.48 8.24
C LYS B 134 -4.85 40.33 9.41
N GLU B 135 -4.98 39.81 10.62
CA GLU B 135 -4.58 40.55 11.81
C GLU B 135 -3.57 39.73 12.60
N THR B 136 -2.67 40.44 13.28
CA THR B 136 -1.85 39.81 14.28
C THR B 136 -2.71 39.65 15.52
N ALA B 137 -2.72 38.45 16.10
CA ALA B 137 -3.66 38.16 17.17
C ALA B 137 -2.93 37.40 18.28
N PRO B 138 -2.80 38.00 19.45
CA PRO B 138 -2.14 37.30 20.57
C PRO B 138 -2.80 35.98 20.89
N GLU B 139 -4.12 35.90 20.82
CA GLU B 139 -4.83 34.69 21.20
C GLU B 139 -5.99 34.42 20.24
N VAL B 140 -6.03 33.21 19.69
CA VAL B 140 -7.14 32.74 18.85
C VAL B 140 -7.51 31.33 19.29
N THR B 141 -8.71 30.93 18.88
CA THR B 141 -9.23 29.61 19.19
C THR B 141 -9.71 28.95 17.91
N LEU B 142 -9.90 27.62 17.96
CA LEU B 142 -10.43 26.88 16.82
C LEU B 142 -11.80 27.36 16.38
N LEU B 143 -12.56 27.98 17.28
CA LEU B 143 -13.92 28.37 16.95
C LEU B 143 -14.10 29.85 16.69
N ASN B 144 -13.15 30.71 17.06
CA ASN B 144 -13.35 32.15 16.83
C ASN B 144 -12.46 32.64 15.70
N SER B 145 -11.82 31.73 14.98
CA SER B 145 -10.88 32.11 13.94
C SER B 145 -10.88 31.05 12.85
N ARG B 146 -10.14 31.32 11.78
CA ARG B 146 -10.07 30.40 10.66
C ARG B 146 -8.84 29.48 10.72
N ILE B 147 -8.20 29.32 11.88
CA ILE B 147 -6.95 28.55 11.88
C ILE B 147 -7.16 27.12 11.37
N ILE B 148 -8.38 26.59 11.54
CA ILE B 148 -8.60 25.21 11.09
C ILE B 148 -8.49 25.11 9.58
N TYR B 149 -8.58 26.23 8.85
CA TYR B 149 -8.32 26.20 7.43
C TYR B 149 -6.84 26.15 7.03
N THR B 150 -5.89 26.17 7.99
CA THR B 150 -4.48 25.95 7.66
C THR B 150 -3.87 24.93 8.64
N LEU B 151 -3.63 23.70 8.15
CA LEU B 151 -3.10 22.60 8.94
C LEU B 151 -1.70 22.19 8.49
N SER B 152 -1.11 22.89 7.52
CA SER B 152 0.29 22.64 7.18
C SER B 152 1.16 22.82 8.44
N PRO B 153 2.33 22.21 8.48
CA PRO B 153 3.21 22.30 9.65
C PRO B 153 4.11 23.52 9.66
N THR B 154 3.90 24.47 8.73
CA THR B 154 4.86 25.55 8.50
C THR B 154 4.61 26.64 9.50
N LYS B 155 4.59 26.24 10.78
CA LYS B 155 4.22 27.08 11.90
C LYS B 155 5.23 26.85 13.01
N ILE B 156 5.12 27.64 14.07
CA ILE B 156 6.00 27.51 15.22
C ILE B 156 5.24 26.81 16.33
N TYR B 157 5.85 25.76 16.87
CA TYR B 157 5.24 24.92 17.90
C TYR B 157 6.16 24.83 19.11
N ARG B 158 5.59 24.97 20.32
CA ARG B 158 6.42 24.76 21.51
C ARG B 158 6.87 23.30 21.51
N THR B 159 8.18 23.09 21.69
CA THR B 159 8.68 21.72 21.58
C THR B 159 8.03 20.82 22.62
N ALA B 160 7.85 21.32 23.85
CA ALA B 160 7.25 20.53 24.92
C ALA B 160 5.78 20.20 24.67
N LEU B 161 5.02 21.06 23.99
CA LEU B 161 3.65 20.68 23.64
C LEU B 161 3.63 19.43 22.78
N LEU B 162 4.52 19.35 21.79
CA LEU B 162 4.56 18.18 20.93
C LEU B 162 5.01 16.96 21.71
N LYS B 163 6.09 17.11 22.48
CA LYS B 163 6.70 15.93 23.06
C LYS B 163 5.91 15.44 24.26
N ASP B 164 5.46 16.36 25.15
CA ASP B 164 4.69 15.92 26.32
C ASP B 164 3.40 15.23 25.90
N ASN B 165 2.83 15.59 24.75
CA ASN B 165 1.58 15.01 24.30
C ASN B 165 1.76 13.96 23.21
N ASP B 166 3.00 13.57 22.93
CA ASP B 166 3.31 12.54 21.96
C ASP B 166 2.69 12.86 20.61
N ILE B 167 2.93 14.08 20.13
CA ILE B 167 2.38 14.50 18.85
C ILE B 167 3.46 14.29 17.80
N TYR B 168 3.19 13.46 16.80
CA TYR B 168 4.16 13.18 15.74
C TYR B 168 3.38 13.06 14.44
N PHE B 169 4.09 13.03 13.32
CA PHE B 169 3.54 12.87 11.98
C PHE B 169 3.29 11.40 11.66
N PRO B 170 2.16 11.09 11.04
CA PRO B 170 2.05 9.76 10.40
C PRO B 170 3.23 9.52 9.46
N GLU B 171 3.85 8.34 9.55
CA GLU B 171 4.93 7.96 8.66
C GLU B 171 4.41 7.11 7.50
N GLU B 172 5.19 7.07 6.40
CA GLU B 172 4.88 6.30 5.18
C GLU B 172 3.59 6.79 4.49
N LEU B 173 3.53 8.10 4.22
CA LEU B 173 2.27 8.73 3.79
C LEU B 173 2.61 9.99 3.04
N LYS B 174 2.19 10.09 1.77
CA LYS B 174 2.73 11.12 0.88
C LYS B 174 2.23 12.52 1.28
N SER B 175 0.97 12.62 1.68
CA SER B 175 0.37 13.89 2.09
C SER B 175 -0.82 13.58 3.00
N ALA B 176 -1.40 14.66 3.53
CA ALA B 176 -2.40 14.70 4.59
C ALA B 176 -1.79 14.35 5.95
N GLU B 177 -0.49 14.03 6.01
CA GLU B 177 0.17 13.72 7.27
C GLU B 177 0.14 14.93 8.20
N ASP B 178 0.15 16.12 7.63
CA ASP B 178 0.21 17.30 8.48
C ASP B 178 -1.12 17.57 9.17
N GLN B 179 -2.25 17.19 8.57
CA GLN B 179 -3.51 17.62 9.15
C GLN B 179 -3.70 17.05 10.55
N LEU B 180 -3.33 15.78 10.77
CA LEU B 180 -3.52 15.19 12.12
C LEU B 180 -2.53 15.81 13.10
N PHE B 181 -1.31 16.00 12.66
CA PHE B 181 -0.27 16.63 13.48
C PHE B 181 -0.73 18.01 13.95
N THR B 182 -1.17 18.85 13.01
CA THR B 182 -1.49 20.21 13.43
C THR B 182 -2.80 20.26 14.22
N MET B 183 -3.77 19.40 13.89
CA MET B 183 -4.99 19.36 14.68
C MET B 183 -4.69 18.94 16.12
N LYS B 184 -3.82 17.92 16.29
CA LYS B 184 -3.39 17.52 17.64
C LYS B 184 -2.72 18.69 18.35
N ALA B 185 -1.88 19.43 17.64
CA ALA B 185 -1.22 20.55 18.31
C ALA B 185 -2.23 21.63 18.71
N TYR B 186 -3.19 21.94 17.82
CA TYR B 186 -4.22 22.93 18.19
C TYR B 186 -5.03 22.47 19.39
N LEU B 187 -5.45 21.19 19.38
CA LEU B 187 -6.29 20.63 20.44
C LEU B 187 -5.61 20.67 21.82
N ASN B 188 -4.29 20.50 21.87
CA ASN B 188 -3.59 20.49 23.15
C ASN B 188 -3.03 21.84 23.56
N ALA B 189 -3.07 22.85 22.68
CA ALA B 189 -2.40 24.11 22.98
C ALA B 189 -3.20 24.93 23.99
N ASN B 190 -2.50 25.57 24.92
CA ASN B 190 -3.19 26.46 25.82
C ASN B 190 -3.35 27.84 25.20
N ARG B 191 -2.45 28.22 24.30
CA ARG B 191 -2.62 29.49 23.62
C ARG B 191 -2.11 29.34 22.20
N ILE B 192 -2.95 29.75 21.27
CA ILE B 192 -2.65 29.77 19.85
C ILE B 192 -2.62 31.22 19.42
N SER B 193 -1.60 31.60 18.66
CA SER B 193 -1.43 33.00 18.26
C SER B 193 -1.17 33.08 16.77
N VAL B 194 -1.34 34.29 16.23
CA VAL B 194 -1.09 34.58 14.83
C VAL B 194 -0.22 35.83 14.71
N LEU B 195 0.87 35.73 13.94
CA LEU B 195 1.79 36.86 13.70
C LEU B 195 1.76 37.20 12.21
N SER B 196 1.18 38.37 11.88
CA SER B 196 0.96 38.78 10.50
C SER B 196 1.68 40.09 10.14
N ASP B 197 2.67 40.50 10.92
CA ASP B 197 3.29 41.81 10.71
C ASP B 197 3.96 41.92 9.34
N LYS B 198 4.48 40.81 8.81
CA LYS B 198 5.00 40.79 7.45
C LYS B 198 4.85 39.39 6.88
N ALA B 199 5.29 39.23 5.62
CA ALA B 199 5.38 37.91 5.02
C ALA B 199 6.55 37.16 5.64
N TYR B 200 6.27 36.14 6.45
CA TYR B 200 7.35 35.37 7.06
C TYR B 200 7.68 34.10 6.28
N TYR B 201 6.68 33.32 5.93
CA TYR B 201 6.88 32.02 5.32
C TYR B 201 6.58 32.11 3.83
N TYR B 202 7.62 31.93 3.00
CA TYR B 202 7.46 31.93 1.54
C TYR B 202 7.34 30.50 1.02
N ALA B 203 6.20 30.19 0.46
CA ALA B 203 5.95 28.88 -0.12
C ALA B 203 6.06 29.01 -1.64
N THR B 204 6.93 28.21 -2.24
CA THR B 204 7.20 28.27 -3.67
C THR B 204 6.40 27.22 -4.44
N LYS B 205 6.48 27.32 -5.76
CA LYS B 205 5.90 26.35 -6.69
C LYS B 205 6.98 26.04 -7.73
N ARG B 206 7.60 24.86 -7.62
CA ARG B 206 8.70 24.42 -8.47
C ARG B 206 8.24 23.30 -9.40
N GLU B 207 9.19 22.63 -10.03
CA GLU B 207 8.94 21.49 -10.91
C GLU B 207 9.45 20.21 -10.26
N GLY B 208 8.99 19.08 -10.81
CA GLY B 208 9.02 17.81 -10.09
C GLY B 208 7.77 17.63 -9.26
N GLU B 209 7.63 16.43 -8.68
CA GLU B 209 6.43 16.14 -7.92
C GLU B 209 6.42 16.89 -6.59
N HIS B 210 5.29 17.55 -6.30
CA HIS B 210 5.01 18.03 -4.96
C HIS B 210 4.25 16.94 -4.21
N MET B 211 4.66 16.65 -2.97
CA MET B 211 4.02 15.60 -2.18
C MET B 211 2.49 15.70 -2.20
N SER B 212 1.95 16.90 -1.96
CA SER B 212 0.50 17.05 -1.88
C SER B 212 -0.20 16.82 -3.23
N SER B 213 0.52 16.44 -4.29
CA SER B 213 -0.10 15.98 -5.53
C SER B 213 0.35 14.57 -5.92
N ALA B 214 1.06 13.86 -5.03
CA ALA B 214 1.37 12.44 -5.20
C ALA B 214 0.13 11.58 -4.91
N TYR B 215 0.18 10.31 -5.32
CA TYR B 215 -0.99 9.45 -5.14
C TYR B 215 -1.05 8.91 -3.71
N VAL B 216 -2.18 9.14 -3.03
CA VAL B 216 -2.55 8.49 -1.77
C VAL B 216 -3.87 7.75 -2.02
N SER B 217 -3.94 6.46 -1.65
CA SER B 217 -5.18 5.73 -1.86
C SER B 217 -6.28 6.33 -0.98
N PRO B 218 -7.54 6.23 -1.37
CA PRO B 218 -8.58 6.82 -0.49
C PRO B 218 -8.59 6.15 0.85
N GLU B 219 -8.18 4.89 0.91
CA GLU B 219 -8.12 4.20 2.20
C GLU B 219 -7.10 4.87 3.12
N ASP B 220 -5.90 5.16 2.63
CA ASP B 220 -4.91 5.81 3.49
C ASP B 220 -5.33 7.25 3.80
N PHE B 221 -5.83 7.96 2.79
CA PHE B 221 -6.21 9.34 2.98
C PHE B 221 -7.30 9.46 4.03
N TYR B 222 -8.37 8.63 3.90
CA TYR B 222 -9.54 8.80 4.76
C TYR B 222 -9.31 8.16 6.10
N GLU B 223 -8.25 7.32 6.24
CA GLU B 223 -7.85 6.87 7.56
C GLU B 223 -7.33 8.05 8.38
N VAL B 224 -6.57 8.95 7.76
CA VAL B 224 -6.12 10.13 8.50
C VAL B 224 -7.33 11.01 8.90
N MET B 225 -8.33 11.10 8.03
CA MET B 225 -9.53 11.90 8.38
C MET B 225 -10.23 11.31 9.58
N ARG B 226 -10.42 9.99 9.59
CA ARG B 226 -11.02 9.30 10.72
C ARG B 226 -10.24 9.57 12.00
N LEU B 227 -8.91 9.42 11.93
CA LEU B 227 -8.08 9.67 13.11
C LEU B 227 -8.29 11.08 13.66
N ILE B 228 -8.51 12.05 12.77
CA ILE B 228 -8.76 13.43 13.22
C ILE B 228 -10.10 13.52 13.94
N ALA B 229 -11.14 12.87 13.39
CA ALA B 229 -12.44 12.87 14.07
C ALA B 229 -12.35 12.20 15.45
N VAL B 230 -11.61 11.09 15.54
CA VAL B 230 -11.37 10.44 16.84
C VAL B 230 -10.64 11.38 17.79
N GLU B 231 -9.59 12.02 17.28
CA GLU B 231 -8.79 12.92 18.10
C GLU B 231 -9.63 14.08 18.62
N ILE B 232 -10.50 14.64 17.76
CA ILE B 232 -11.33 15.77 18.23
C ILE B 232 -12.28 15.30 19.33
N LEU B 233 -12.98 14.18 19.11
CA LEU B 233 -13.96 13.70 20.08
C LEU B 233 -13.33 13.19 21.37
N ASN B 234 -12.03 12.89 21.36
CA ASN B 234 -11.38 12.50 22.59
C ASN B 234 -10.61 13.65 23.23
N ALA B 235 -10.74 14.87 22.73
CA ALA B 235 -10.03 15.96 23.40
C ALA B 235 -10.62 16.25 24.79
N ASP B 236 -9.80 16.91 25.62
CA ASP B 236 -10.18 17.33 26.96
C ASP B 236 -10.89 18.68 26.91
N LEU B 237 -12.07 18.66 26.29
CA LEU B 237 -12.84 19.86 26.04
C LEU B 237 -14.31 19.54 26.30
N GLU B 238 -15.11 20.58 26.53
CA GLU B 238 -16.53 20.33 26.73
C GLU B 238 -17.15 19.69 25.49
N GLU B 239 -18.18 18.89 25.73
CA GLU B 239 -18.78 18.11 24.65
C GLU B 239 -19.29 19.01 23.53
N ALA B 240 -20.02 20.08 23.87
CA ALA B 240 -20.52 20.93 22.78
C ALA B 240 -19.40 21.53 21.94
N HIS B 241 -18.29 21.93 22.60
CA HIS B 241 -17.17 22.50 21.86
C HIS B 241 -16.52 21.48 20.94
N LYS B 242 -16.40 20.21 21.37
CA LYS B 242 -15.82 19.18 20.51
C LYS B 242 -16.67 18.97 19.27
N ASP B 243 -18.00 18.94 19.45
CA ASP B 243 -18.87 18.76 18.29
C ASP B 243 -18.70 19.90 17.30
N GLN B 244 -18.55 21.13 17.84
CA GLN B 244 -18.43 22.32 17.00
CA GLN B 244 -18.46 22.27 16.93
C GLN B 244 -17.11 22.32 16.24
N ILE B 245 -16.03 21.88 16.89
CA ILE B 245 -14.73 21.76 16.19
C ILE B 245 -14.83 20.73 15.07
N LEU B 246 -15.36 19.54 15.38
CA LEU B 246 -15.58 18.53 14.33
C LEU B 246 -16.41 19.10 13.19
N ALA B 247 -17.49 19.85 13.51
CA ALA B 247 -18.30 20.43 12.44
C ALA B 247 -17.47 21.35 11.55
N GLU B 248 -16.66 22.24 12.14
CA GLU B 248 -15.86 23.15 11.32
C GLU B 248 -14.81 22.39 10.54
N PHE B 249 -14.27 21.32 11.12
CA PHE B 249 -13.35 20.49 10.35
C PHE B 249 -14.07 19.85 9.16
N LEU B 250 -15.31 19.40 9.39
CA LEU B 250 -16.06 18.85 8.25
C LEU B 250 -16.38 19.92 7.18
N ASN B 251 -16.69 21.16 7.61
CA ASN B 251 -16.92 22.23 6.63
C ASN B 251 -15.68 22.45 5.76
N ARG B 252 -14.52 22.60 6.42
CA ARG B 252 -13.25 22.74 5.70
C ARG B 252 -13.02 21.57 4.76
N HIS B 253 -13.21 20.34 5.27
CA HIS B 253 -12.81 19.15 4.51
C HIS B 253 -13.66 18.99 3.25
N PHE B 254 -14.98 19.12 3.40
CA PHE B 254 -15.88 18.91 2.27
C PHE B 254 -15.78 20.02 1.26
N SER B 255 -15.27 21.20 1.68
CA SER B 255 -15.13 22.33 0.79
C SER B 255 -13.84 22.30 -0.02
N PHE B 256 -12.72 21.88 0.59
CA PHE B 256 -11.43 22.12 -0.03
C PHE B 256 -10.63 20.88 -0.28
N SER B 257 -11.01 19.76 0.27
CA SER B 257 -10.24 18.54 0.08
C SER B 257 -10.68 17.84 -1.21
N ARG B 258 -9.94 16.76 -1.56
CA ARG B 258 -10.32 15.90 -2.66
C ARG B 258 -11.71 15.31 -2.52
N THR B 259 -12.32 15.31 -1.31
CA THR B 259 -13.70 14.86 -1.17
C THR B 259 -14.64 15.69 -2.03
N ASN B 260 -14.36 16.98 -2.16
CA ASN B 260 -15.29 17.87 -2.89
C ASN B 260 -15.47 17.47 -4.36
N GLY B 261 -16.68 17.04 -4.73
CA GLY B 261 -16.88 16.67 -6.11
C GLY B 261 -16.28 15.33 -6.54
N PHE B 262 -15.85 14.44 -5.63
CA PHE B 262 -15.16 13.23 -6.12
C PHE B 262 -16.07 12.34 -6.97
N SER B 263 -17.37 12.35 -6.69
CA SER B 263 -18.32 11.53 -7.45
C SER B 263 -18.57 12.11 -8.85
N LEU B 264 -18.11 13.32 -9.12
CA LEU B 264 -18.17 13.88 -10.46
C LEU B 264 -16.89 13.64 -11.24
N LYS B 265 -15.76 13.50 -10.55
CA LYS B 265 -14.44 13.46 -11.17
C LYS B 265 -13.80 12.06 -11.20
N VAL B 266 -14.03 11.24 -10.19
CA VAL B 266 -13.43 9.92 -10.11
C VAL B 266 -14.14 8.96 -11.07
N LYS B 267 -13.34 8.14 -11.76
CA LYS B 267 -13.87 7.05 -12.60
C LYS B 267 -14.98 6.33 -11.88
N LEU B 268 -16.12 6.13 -12.57
CA LEU B 268 -17.25 5.43 -11.95
C LEU B 268 -16.79 4.16 -11.23
N GLU B 269 -15.95 3.37 -11.89
CA GLU B 269 -15.58 2.05 -11.39
C GLU B 269 -14.71 2.11 -10.15
N GLU B 270 -14.13 3.28 -9.82
CA GLU B 270 -13.36 3.47 -8.61
C GLU B 270 -14.20 4.06 -7.48
N GLN B 271 -15.40 4.59 -7.77
CA GLN B 271 -16.13 5.28 -6.71
C GLN B 271 -16.54 4.40 -5.55
N PRO B 272 -16.80 3.09 -5.69
CA PRO B 272 -17.11 2.33 -4.47
C PRO B 272 -15.96 2.34 -3.47
N GLN B 273 -14.72 2.29 -3.94
CA GLN B 273 -13.57 2.38 -3.03
C GLN B 273 -13.57 3.71 -2.31
N TRP B 274 -13.98 4.77 -3.01
CA TRP B 274 -13.98 6.07 -2.35
C TRP B 274 -15.09 6.14 -1.30
N ILE B 275 -16.31 5.64 -1.60
CA ILE B 275 -17.44 5.80 -0.66
C ILE B 275 -17.24 4.89 0.55
N ASN B 276 -16.59 3.74 0.37
CA ASN B 276 -16.29 2.91 1.51
C ASN B 276 -15.27 3.60 2.44
N ALA B 277 -14.22 4.16 1.88
CA ALA B 277 -13.20 4.83 2.72
C ALA B 277 -13.77 6.11 3.34
N LEU B 278 -14.46 6.93 2.53
CA LEU B 278 -15.11 8.12 3.09
C LEU B 278 -16.12 7.74 4.17
N GLY B 279 -16.92 6.69 3.93
CA GLY B 279 -17.89 6.31 4.93
C GLY B 279 -17.26 5.79 6.22
N ASP B 280 -16.08 5.17 6.15
CA ASP B 280 -15.45 4.76 7.41
C ASP B 280 -15.01 5.98 8.22
N PHE B 281 -14.69 7.06 7.54
CA PHE B 281 -14.37 8.31 8.23
C PHE B 281 -15.66 8.95 8.77
N ILE B 282 -16.71 9.06 7.95
CA ILE B 282 -17.94 9.69 8.46
C ILE B 282 -18.62 8.83 9.52
N GLN B 283 -18.36 7.51 9.53
CA GLN B 283 -18.97 6.71 10.57
C GLN B 283 -18.38 6.99 11.94
N ALA B 284 -17.22 7.63 12.00
CA ALA B 284 -16.66 8.13 13.26
C ALA B 284 -17.27 9.45 13.72
N VAL B 285 -18.07 10.09 12.88
CA VAL B 285 -18.74 11.36 13.17
C VAL B 285 -20.15 11.05 13.69
N PRO B 286 -20.44 11.26 14.97
CA PRO B 286 -21.81 11.03 15.45
C PRO B 286 -22.79 11.86 14.63
N GLU B 287 -23.90 11.21 14.24
CA GLU B 287 -24.91 11.89 13.43
C GLU B 287 -25.40 13.22 14.00
N ARG B 288 -25.38 13.40 15.31
CA ARG B 288 -25.81 14.69 15.89
C ARG B 288 -24.99 15.87 15.38
N VAL B 289 -23.74 15.62 14.94
CA VAL B 289 -22.87 16.70 14.47
C VAL B 289 -23.35 17.26 13.13
N ASP B 290 -24.12 16.49 12.35
CA ASP B 290 -24.50 16.91 11.00
C ASP B 290 -25.33 18.20 11.05
N ALA B 291 -26.04 18.40 12.14
CA ALA B 291 -26.89 19.58 12.31
C ALA B 291 -26.07 20.83 12.48
N LEU B 292 -24.79 20.69 12.84
CA LEU B 292 -23.93 21.87 12.98
C LEU B 292 -23.13 22.23 11.74
N VAL B 293 -23.04 21.36 10.73
CA VAL B 293 -22.25 21.65 9.52
C VAL B 293 -23.08 22.53 8.58
N MET B 294 -22.46 23.10 7.54
CA MET B 294 -23.18 23.76 6.47
C MET B 294 -24.30 22.88 5.90
N SER B 295 -25.49 23.50 5.73
CA SER B 295 -26.64 22.69 5.40
C SER B 295 -26.45 21.92 4.10
N LYS B 296 -25.73 22.47 3.14
CA LYS B 296 -25.51 21.76 1.88
C LYS B 296 -24.73 20.46 2.06
N LEU B 297 -23.99 20.33 3.18
CA LEU B 297 -23.21 19.11 3.43
C LEU B 297 -24.00 17.99 4.09
N ARG B 298 -25.17 18.31 4.72
CA ARG B 298 -25.91 17.29 5.47
C ARG B 298 -26.33 16.09 4.62
N PRO B 299 -26.79 16.25 3.37
CA PRO B 299 -27.07 15.03 2.59
C PRO B 299 -25.80 14.27 2.19
N LEU B 300 -24.66 14.95 2.03
CA LEU B 300 -23.44 14.19 1.69
C LEU B 300 -22.99 13.35 2.89
N LEU B 301 -23.12 13.90 4.12
CA LEU B 301 -22.82 13.12 5.32
C LEU B 301 -23.77 11.94 5.44
N HIS B 302 -25.06 12.19 5.28
CA HIS B 302 -26.06 11.13 5.30
C HIS B 302 -25.69 9.95 4.38
N TYR B 303 -25.49 10.23 3.09
CA TYR B 303 -25.20 9.18 2.11
C TYR B 303 -23.79 8.60 2.27
N ALA B 304 -22.81 9.39 2.76
CA ALA B 304 -21.50 8.83 3.06
C ALA B 304 -21.58 7.85 4.21
N ARG B 305 -22.31 8.22 5.27
CA ARG B 305 -22.44 7.32 6.42
C ARG B 305 -23.13 6.01 6.01
N ALA B 306 -24.15 6.09 5.13
CA ALA B 306 -24.78 4.89 4.55
C ALA B 306 -23.92 4.15 3.51
N LYS B 307 -22.77 4.69 3.14
CA LYS B 307 -21.96 4.14 2.02
C LYS B 307 -22.82 3.90 0.78
N ASP B 308 -23.63 4.92 0.42
CA ASP B 308 -24.59 4.85 -0.67
C ASP B 308 -24.10 5.80 -1.76
N ILE B 309 -23.28 5.26 -2.66
CA ILE B 309 -22.67 6.10 -3.70
C ILE B 309 -23.71 6.57 -4.73
N ASP B 310 -24.73 5.77 -5.02
CA ASP B 310 -25.68 6.23 -6.04
C ASP B 310 -26.39 7.51 -5.59
N ASN B 311 -26.85 7.55 -4.33
CA ASN B 311 -27.47 8.77 -3.83
C ASN B 311 -26.45 9.86 -3.55
N TYR B 312 -25.26 9.49 -3.08
CA TYR B 312 -24.23 10.53 -2.91
C TYR B 312 -23.98 11.23 -4.25
N ARG B 313 -23.80 10.45 -5.30
CA ARG B 313 -23.51 11.01 -6.63
C ARG B 313 -24.69 11.80 -7.17
N THR B 314 -25.92 11.33 -6.94
CA THR B 314 -27.08 12.13 -7.32
C THR B 314 -27.03 13.52 -6.67
N VAL B 315 -26.70 13.57 -5.39
CA VAL B 315 -26.58 14.85 -4.71
C VAL B 315 -25.59 15.75 -5.43
N GLU B 316 -24.34 15.25 -5.64
CA GLU B 316 -23.30 16.08 -6.22
C GLU B 316 -23.67 16.53 -7.62
N GLU B 317 -24.29 15.63 -8.42
CA GLU B 317 -24.70 15.98 -9.76
C GLU B 317 -25.83 17.01 -9.71
N SER B 318 -26.76 16.82 -8.78
CA SER B 318 -27.88 17.76 -8.64
C SER B 318 -27.37 19.15 -8.29
N TYR B 319 -26.41 19.22 -7.36
CA TYR B 319 -25.82 20.52 -7.04
C TYR B 319 -25.16 21.10 -8.27
N ARG B 320 -24.39 20.27 -8.98
CA ARG B 320 -23.59 20.82 -10.06
C ARG B 320 -24.46 21.34 -11.20
N GLN B 321 -25.50 20.57 -11.55
CA GLN B 321 -26.46 20.93 -12.56
C GLN B 321 -27.56 21.89 -12.09
N GLY B 322 -27.73 22.06 -10.77
CA GLY B 322 -28.81 22.90 -10.28
C GLY B 322 -30.17 22.32 -10.61
N GLN B 323 -30.27 21.01 -10.59
CA GLN B 323 -31.49 20.28 -10.95
C GLN B 323 -31.79 19.29 -9.83
N TYR B 324 -33.02 19.30 -9.32
CA TYR B 324 -33.38 18.47 -8.16
C TYR B 324 -34.63 17.67 -8.46
N TYR B 325 -34.71 16.49 -7.85
CA TYR B 325 -35.94 15.71 -7.93
C TYR B 325 -37.17 16.50 -7.45
N ARG B 326 -37.14 17.03 -6.22
CA ARG B 326 -38.15 17.97 -5.73
C ARG B 326 -37.46 19.01 -4.86
N PHE B 327 -37.95 20.24 -4.90
CA PHE B 327 -37.47 21.19 -3.90
C PHE B 327 -38.51 22.27 -3.68
N ASP B 328 -38.43 22.86 -2.49
CA ASP B 328 -39.17 24.01 -2.02
C ASP B 328 -38.19 25.14 -1.81
N ILE B 329 -38.68 26.39 -1.91
CA ILE B 329 -37.91 27.56 -1.55
C ILE B 329 -38.53 28.13 -0.28
N VAL B 330 -37.80 28.05 0.82
CA VAL B 330 -38.27 28.57 2.08
C VAL B 330 -37.22 29.52 2.63
N ASP B 331 -37.64 30.72 3.01
CA ASP B 331 -36.73 31.72 3.55
C ASP B 331 -35.50 31.88 2.66
N GLY B 332 -35.70 31.87 1.34
CA GLY B 332 -34.66 32.12 0.39
C GLY B 332 -33.66 30.99 0.22
N LYS B 333 -33.83 29.89 0.93
CA LYS B 333 -32.97 28.72 0.83
C LYS B 333 -33.77 27.55 0.25
N LEU B 334 -33.07 26.46 -0.07
CA LEU B 334 -33.70 25.30 -0.69
C LEU B 334 -33.92 24.17 0.31
N ASN B 335 -35.10 23.58 0.27
CA ASN B 335 -35.39 22.34 1.00
C ASN B 335 -35.48 21.30 -0.11
N ILE B 336 -34.53 20.34 -0.14
CA ILE B 336 -34.32 19.52 -1.32
C ILE B 336 -34.56 18.06 -0.99
N GLN B 337 -35.31 17.38 -1.85
CA GLN B 337 -35.41 15.93 -1.88
C GLN B 337 -34.67 15.45 -3.13
N PHE B 338 -33.61 14.68 -2.95
CA PHE B 338 -32.77 14.37 -4.11
C PHE B 338 -33.19 13.15 -4.90
N ASN B 339 -34.10 12.34 -4.38
CA ASN B 339 -34.54 11.14 -5.07
C ASN B 339 -35.86 10.69 -4.47
N GLU B 340 -36.60 9.90 -5.24
CA GLU B 340 -37.92 9.47 -4.81
C GLU B 340 -37.83 8.67 -3.51
N GLY B 341 -38.71 9.00 -2.56
CA GLY B 341 -38.75 8.35 -1.27
C GLY B 341 -37.58 8.65 -0.35
N GLU B 342 -36.67 9.54 -0.71
CA GLU B 342 -35.55 9.90 0.16
C GLU B 342 -35.95 11.07 1.07
N PRO B 343 -35.22 11.31 2.17
CA PRO B 343 -35.56 12.43 3.05
C PRO B 343 -35.44 13.76 2.30
N TYR B 344 -36.18 14.78 2.77
CA TYR B 344 -35.84 16.16 2.41
C TYR B 344 -34.72 16.66 3.31
N PHE B 345 -33.86 17.50 2.76
CA PHE B 345 -32.80 18.18 3.53
C PHE B 345 -33.02 19.68 3.43
N GLU B 346 -33.08 20.35 4.57
CA GLU B 346 -33.63 21.71 4.63
C GLU B 346 -32.52 22.74 4.78
N GLY B 347 -32.82 23.98 4.34
CA GLY B 347 -31.92 25.09 4.58
C GLY B 347 -30.71 25.19 3.66
N ILE B 348 -30.76 24.63 2.46
CA ILE B 348 -29.56 24.54 1.62
C ILE B 348 -29.33 25.86 0.91
N ASP B 349 -28.13 26.43 1.10
CA ASP B 349 -27.78 27.74 0.50
C ASP B 349 -26.27 27.82 0.15
C1' UD1 C . 0.49 -15.90 -13.55
C2' UD1 C . -0.19 -17.15 -13.02
C3' UD1 C . -1.52 -16.72 -12.50
C4' UD1 C . -1.26 -15.95 -11.25
C5' UD1 C . -0.61 -14.62 -11.65
C6' UD1 C . -0.29 -13.80 -10.45
C7' UD1 C . 0.75 -19.14 -14.23
C8' UD1 C . 1.97 -19.06 -13.32
N2' UD1 C . -0.32 -18.18 -14.09
O1' UD1 C . -0.26 -15.48 -14.63
O3' UD1 C . -2.44 -17.84 -12.30
O4' UD1 C . -2.47 -15.75 -10.55
O5' UD1 C . 0.62 -14.87 -12.45
O6' UD1 C . 0.29 -14.62 -9.46
O7' UD1 C . 0.66 -19.96 -15.06
N1 UD1 C . -7.12 -10.80 -12.91
C2 UD1 C . -8.22 -10.37 -12.00
N3 UD1 C . -8.18 -9.04 -11.32
C4 UD1 C . -7.02 -8.17 -11.54
C5 UD1 C . -5.91 -8.62 -12.43
C6 UD1 C . -5.96 -9.94 -13.10
O2 UD1 C . -9.14 -11.09 -11.83
O4 UD1 C . -6.99 -7.12 -11.00
C1B UD1 C . -7.17 -12.11 -13.50
C2B UD1 C . -6.79 -12.17 -15.07
O2' UD1 C . -7.97 -11.79 -15.87
C3B UD1 C . -6.36 -13.42 -15.26
C4B UD1 C . -5.75 -13.86 -13.91
O4B UD1 C . -6.26 -12.86 -12.86
O3B UD1 C . -7.50 -14.37 -15.50
C5B UD1 C . -4.32 -13.82 -13.86
O5B UD1 C . -3.87 -12.52 -14.13
PA UD1 C . -2.72 -12.37 -15.31
O1A UD1 C . -2.57 -10.93 -15.70
O2A UD1 C . -3.09 -13.24 -16.50
O3A UD1 C . -1.36 -12.98 -14.59
PB UD1 C . -0.18 -13.94 -15.26
O1B UD1 C . -0.29 -14.07 -16.76
O2B UD1 C . 1.06 -13.15 -14.90
C1' UD1 D . 2.82 20.73 1.01
C2' UD1 D . 3.00 21.20 2.43
C3' UD1 D . 3.98 20.33 3.16
C4' UD1 D . 3.29 19.01 3.30
C5' UD1 D . 3.03 18.39 1.93
C6' UD1 D . 2.34 17.05 2.04
C7' UD1 D . 2.21 23.51 2.67
C8' UD1 D . 0.79 22.94 2.72
N2' UD1 D . 3.36 22.64 2.49
O1' UD1 D . 4.08 20.84 0.47
O3' UD1 D . 4.36 20.94 4.45
O4' UD1 D . 4.04 18.10 4.10
O5' UD1 D . 2.27 19.32 1.05
O6' UD1 D . 1.33 17.07 3.03
O7' UD1 D . 2.41 24.67 2.75
N1 UD1 D . 10.16 15.18 1.66
C2 UD1 D . 10.87 14.11 2.42
N3 UD1 D . 10.73 12.69 1.96
C4 UD1 D . 9.92 12.38 0.77
C5 UD1 D . 9.19 13.48 0.05
C6 UD1 D . 9.34 14.86 0.51
O2 UD1 D . 11.52 14.40 3.37
O4 UD1 D . 9.80 11.25 0.38
C1B UD1 D . 10.22 16.54 2.10
C2B UD1 D . 10.43 17.55 0.86
O2' UD1 D . 11.87 17.57 0.53
C3B UD1 D . 9.94 18.70 1.32
C4B UD1 D . 8.75 18.31 2.25
O4B UD1 D . 9.03 16.82 2.58
O3B UD1 D . 10.88 19.39 2.24
C5B UD1 D . 7.48 18.46 1.66
O5B UD1 D . 7.44 17.76 0.44
PA UD1 D . 6.93 18.54 -0.92
O1A UD1 D . 7.13 17.66 -2.11
O2A UD1 D . 7.64 19.87 -1.04
O3A UD1 D . 5.31 18.77 -0.71
PB UD1 D . 4.43 20.15 -0.97
O1B UD1 D . 5.18 21.13 -1.83
O2B UD1 D . 3.15 19.64 -1.65
#